data_5V5M
#
_entry.id   5V5M
#
_cell.length_a   69.674
_cell.length_b   82.622
_cell.length_c   157.779
_cell.angle_alpha   90.00
_cell.angle_beta   90.00
_cell.angle_gamma   90.00
#
_symmetry.space_group_name_H-M   'P 21 21 21'
#
loop_
_entity.id
_entity.type
_entity.pdbx_description
1 polymer 'HLA class I histocompatibility antigen, B-57 alpha chain'
2 polymer Beta-2-microglobulin
3 polymer TW10
4 water water
#
loop_
_entity_poly.entity_id
_entity_poly.type
_entity_poly.pdbx_seq_one_letter_code
_entity_poly.pdbx_strand_id
1 'polypeptide(L)'
;GSHSMRYFYTAMSRPGRGEPRFIAVGYVDDTQFVRFDSDAASPRMAPRAPWIEQEGPEYWDGETRNMKASAQTYRENLRI
ALRYYNQSEAGSHIIQVMYGCDVGPDGRLLRGHDQSAYDGKDYIALNEDLSSWTAADTAAQITQRKWEAARVAEQLRAYL
EGLCVEWLRRYLENGKETLQRADPPKTHVTHHPISDHEATLRCWALGFYPAEITLTWQRDGEDQTQDTELVETRPAGDRT
FQKWAAVVVPSGEEQRYTCHVQHEGLPKPLTLRWEPHH
;
A,C
2 'polypeptide(L)'
;IQRTPKIQVYSRHPAENGKSNFLNCYVSGFHPSDIEVDLLKNGERIEKVEHSDLSFSKDWSFYLLYYTEFTPTEKDEYAC
RVNHVTLSQPKIVKWDRDM
;
B,D
3 'polypeptide(L)' TSTLQEQIGW E,F
#
# COMPACT_ATOMS: atom_id res chain seq x y z
N GLY A 1 30.34 10.05 22.86
CA GLY A 1 31.19 9.51 23.91
C GLY A 1 30.94 8.02 24.14
N SER A 2 29.83 7.70 24.77
CA SER A 2 29.43 6.32 24.99
C SER A 2 28.65 5.81 23.80
N HIS A 3 28.86 4.54 23.46
CA HIS A 3 28.25 3.94 22.28
C HIS A 3 27.75 2.55 22.61
N SER A 4 26.83 2.06 21.79
CA SER A 4 26.25 0.74 21.99
C SER A 4 25.93 0.11 20.65
N MET A 5 25.99 -1.22 20.61
CA MET A 5 25.47 -2.00 19.51
C MET A 5 24.47 -3.00 20.07
N ARG A 6 23.31 -3.11 19.44
CA ARG A 6 22.30 -4.07 19.87
C ARG A 6 21.66 -4.73 18.66
N TYR A 7 21.26 -5.98 18.84
CA TYR A 7 20.51 -6.73 17.84
C TYR A 7 19.14 -7.05 18.40
N PHE A 8 18.12 -6.88 17.57
CA PHE A 8 16.74 -7.16 17.97
C PHE A 8 16.19 -8.27 17.08
N TYR A 9 15.76 -9.36 17.71
CA TYR A 9 15.12 -10.47 17.02
C TYR A 9 13.63 -10.48 17.36
N THR A 10 12.79 -10.68 16.34
CA THR A 10 11.37 -10.90 16.53
C THR A 10 10.96 -12.17 15.79
N ALA A 11 10.45 -13.15 16.52
CA ALA A 11 9.94 -14.40 15.96
C ALA A 11 8.45 -14.49 16.26
N MET A 12 7.62 -14.34 15.24
CA MET A 12 6.17 -14.36 15.38
CA MET A 12 6.17 -14.36 15.39
C MET A 12 5.60 -15.62 14.72
N SER A 13 4.82 -16.37 15.48
CA SER A 13 4.16 -17.56 14.96
C SER A 13 2.81 -17.17 14.37
N ARG A 14 2.50 -17.63 13.17
CA ARG A 14 1.21 -17.33 12.57
C ARG A 14 0.59 -18.65 12.20
N PRO A 15 -0.49 -19.07 12.96
CA PRO A 15 -1.04 -20.38 12.57
C PRO A 15 -1.80 -20.44 11.26
N GLY A 16 -1.44 -21.44 10.45
CA GLY A 16 -2.05 -21.72 9.17
C GLY A 16 -1.56 -20.82 8.06
N ARG A 17 -0.69 -19.89 8.43
CA ARG A 17 -0.12 -18.93 7.50
C ARG A 17 1.35 -19.22 7.38
N GLY A 18 1.67 -20.49 7.52
CA GLY A 18 3.05 -20.91 7.40
C GLY A 18 4.04 -20.70 8.50
N GLU A 19 5.30 -20.79 8.11
CA GLU A 19 6.43 -20.72 9.02
C GLU A 19 6.39 -19.44 9.77
N PRO A 20 6.76 -19.47 11.04
CA PRO A 20 6.73 -18.22 11.80
C PRO A 20 7.72 -17.26 11.21
N ARG A 21 7.39 -15.98 11.21
CA ARG A 21 8.26 -14.95 10.68
C ARG A 21 9.37 -14.59 11.65
N PHE A 22 10.56 -14.49 11.12
CA PHE A 22 11.75 -14.12 11.88
C PHE A 22 12.29 -12.84 11.27
N ILE A 23 12.35 -11.79 12.07
CA ILE A 23 12.89 -10.50 11.65
C ILE A 23 14.04 -10.18 12.59
N ALA A 24 15.20 -9.89 12.02
CA ALA A 24 16.38 -9.51 12.78
C ALA A 24 16.82 -8.14 12.30
N VAL A 25 17.02 -7.22 13.24
CA VAL A 25 17.45 -5.87 12.93
C VAL A 25 18.66 -5.54 13.80
N GLY A 26 19.64 -4.85 13.21
CA GLY A 26 20.84 -4.47 13.92
C GLY A 26 21.01 -2.97 14.04
N TYR A 27 21.31 -2.50 15.25
CA TYR A 27 21.44 -1.08 15.53
C TYR A 27 22.82 -0.78 16.10
N VAL A 28 23.44 0.28 15.60
CA VAL A 28 24.58 0.91 16.26
C VAL A 28 24.09 2.28 16.73
N ASP A 29 24.02 2.46 18.05
CA ASP A 29 23.46 3.65 18.68
C ASP A 29 22.03 3.82 18.16
N ASP A 30 21.67 4.97 17.57
CA ASP A 30 20.33 5.20 17.05
C ASP A 30 20.24 4.94 15.55
N THR A 31 21.28 4.38 14.95
CA THR A 31 21.32 4.12 13.52
C THR A 31 21.20 2.63 13.27
N GLN A 32 20.28 2.25 12.39
CA GLN A 32 20.16 0.87 11.94
C GLN A 32 21.11 0.63 10.78
N PHE A 33 21.82 -0.49 10.81
CA PHE A 33 22.74 -0.82 9.73
C PHE A 33 22.46 -2.13 9.00
N VAL A 34 21.77 -3.05 9.64
CA VAL A 34 21.49 -4.33 9.01
C VAL A 34 20.09 -4.84 9.26
N ARG A 35 19.61 -5.71 8.37
CA ARG A 35 18.29 -6.26 8.54
C ARG A 35 18.15 -7.61 7.89
N PHE A 36 17.21 -8.38 8.41
CA PHE A 36 16.90 -9.69 7.86
C PHE A 36 15.43 -9.97 8.08
N ASP A 37 14.80 -10.54 7.08
CA ASP A 37 13.41 -10.94 7.12
C ASP A 37 13.23 -12.26 6.39
N SER A 38 12.66 -13.25 7.09
CA SER A 38 12.45 -14.58 6.51
C SER A 38 11.39 -14.55 5.40
N ASP A 39 10.44 -13.63 5.47
CA ASP A 39 9.38 -13.52 4.44
C ASP A 39 9.91 -13.00 3.11
N ALA A 40 11.11 -12.44 3.09
CA ALA A 40 11.72 -11.99 1.85
C ALA A 40 11.84 -13.13 0.85
N ALA A 41 11.82 -12.78 -0.43
CA ALA A 41 11.90 -13.79 -1.47
C ALA A 41 13.22 -14.54 -1.40
N SER A 42 14.28 -13.80 -1.13
CA SER A 42 15.59 -14.39 -0.99
C SER A 42 16.13 -13.83 0.30
N PRO A 43 15.72 -14.47 1.46
CA PRO A 43 16.22 -13.85 2.69
C PRO A 43 17.73 -13.80 2.71
N ARG A 44 18.23 -12.61 3.02
CA ARG A 44 19.64 -12.34 3.12
C ARG A 44 19.77 -11.18 4.06
N MET A 45 20.90 -11.08 4.74
CA MET A 45 21.11 -9.94 5.60
C MET A 45 21.30 -8.83 4.60
N ALA A 46 20.72 -7.68 4.88
CA ALA A 46 20.83 -6.57 3.96
C ALA A 46 21.37 -5.37 4.68
N PRO A 47 22.00 -4.47 3.95
CA PRO A 47 22.54 -3.26 4.57
C PRO A 47 21.51 -2.15 4.63
N ARG A 48 21.41 -1.48 5.80
CA ARG A 48 20.52 -0.35 5.96
C ARG A 48 21.27 0.93 6.32
N ALA A 49 22.59 0.91 6.26
CA ALA A 49 23.42 2.09 6.46
C ALA A 49 24.50 2.05 5.39
N PRO A 50 24.96 3.22 4.94
CA PRO A 50 25.99 3.22 3.88
C PRO A 50 27.33 2.63 4.31
N TRP A 51 27.76 2.89 5.55
CA TRP A 51 29.10 2.46 5.95
C TRP A 51 29.23 0.95 6.05
N ILE A 52 28.14 0.24 6.36
CA ILE A 52 28.21 -1.21 6.46
C ILE A 52 28.43 -1.87 5.11
N GLU A 53 28.22 -1.14 4.02
CA GLU A 53 28.36 -1.73 2.69
C GLU A 53 29.80 -2.13 2.37
N GLN A 54 30.79 -1.52 3.03
CA GLN A 54 32.19 -1.83 2.78
C GLN A 54 32.53 -3.30 3.02
N GLU A 55 31.68 -4.01 3.75
CA GLU A 55 32.03 -5.36 4.17
C GLU A 55 32.02 -6.35 3.02
N GLY A 56 32.77 -7.42 3.21
CA GLY A 56 32.89 -8.48 2.23
C GLY A 56 31.68 -9.36 2.03
N PRO A 57 31.65 -9.97 0.78
CA PRO A 57 30.50 -10.85 0.56
C PRO A 57 30.57 -11.95 1.59
N GLU A 58 31.77 -12.30 2.03
CA GLU A 58 31.91 -13.36 3.02
C GLU A 58 31.22 -12.91 4.30
N TYR A 59 31.37 -11.65 4.68
CA TYR A 59 30.73 -11.15 5.90
C TYR A 59 29.23 -11.25 5.74
N TRP A 60 28.73 -10.87 4.58
CA TRP A 60 27.30 -10.94 4.36
C TRP A 60 26.78 -12.36 4.39
N ASP A 61 27.54 -13.29 3.83
CA ASP A 61 27.14 -14.69 3.83
C ASP A 61 27.10 -15.20 5.25
N GLY A 62 28.08 -14.79 6.04
CA GLY A 62 28.12 -15.22 7.42
C GLY A 62 26.92 -14.72 8.17
N GLU A 63 26.55 -13.47 7.93
CA GLU A 63 25.38 -12.93 8.60
C GLU A 63 24.12 -13.68 8.16
N THR A 64 24.05 -13.94 6.86
CA THR A 64 22.92 -14.63 6.27
C THR A 64 22.76 -16.08 6.77
N ARG A 65 23.86 -16.82 6.87
CA ARG A 65 23.78 -18.19 7.38
C ARG A 65 23.46 -18.20 8.87
N ASN A 66 23.94 -17.20 9.61
CA ASN A 66 23.61 -17.12 11.03
C ASN A 66 22.13 -16.85 11.23
N MET A 67 21.55 -15.97 10.42
CA MET A 67 20.14 -15.62 10.57
C MET A 67 19.24 -16.80 10.20
N LYS A 68 19.61 -17.58 9.19
CA LYS A 68 18.81 -18.75 8.82
C LYS A 68 18.76 -19.76 9.96
N ALA A 69 19.91 -20.02 10.59
CA ALA A 69 19.92 -20.94 11.73
C ALA A 69 19.14 -20.37 12.91
N SER A 70 19.29 -19.08 13.18
CA SER A 70 18.58 -18.46 14.30
C SER A 70 17.07 -18.53 14.12
N ALA A 71 16.59 -18.33 12.90
CA ALA A 71 15.17 -18.47 12.63
C ALA A 71 14.68 -19.88 12.93
N GLN A 72 15.48 -20.89 12.57
CA GLN A 72 15.08 -22.26 12.84
C GLN A 72 15.09 -22.57 14.33
N THR A 73 16.05 -22.00 15.05
CA THR A 73 16.10 -22.17 16.50
C THR A 73 14.88 -21.57 17.18
N TYR A 74 14.53 -20.33 16.81
CA TYR A 74 13.43 -19.66 17.48
C TYR A 74 12.08 -20.19 17.02
N ARG A 75 11.99 -20.77 15.82
CA ARG A 75 10.79 -21.51 15.46
C ARG A 75 10.53 -22.67 16.40
N GLU A 76 11.59 -23.38 16.79
CA GLU A 76 11.40 -24.44 17.77
C GLU A 76 11.36 -23.90 19.19
N ASN A 77 11.99 -22.76 19.43
CA ASN A 77 11.81 -22.08 20.71
C ASN A 77 10.38 -21.61 20.90
N LEU A 78 9.70 -21.27 19.80
CA LEU A 78 8.29 -20.91 19.88
C LEU A 78 7.43 -22.10 20.30
N ARG A 79 7.74 -23.29 19.78
CA ARG A 79 6.96 -24.47 20.17
C ARG A 79 7.30 -24.96 21.56
N ILE A 80 8.55 -24.78 22.00
CA ILE A 80 8.89 -25.06 23.39
C ILE A 80 8.09 -24.15 24.32
N ALA A 81 7.93 -22.89 23.92
CA ALA A 81 7.17 -21.93 24.73
C ALA A 81 5.72 -22.36 24.86
N LEU A 82 5.15 -22.95 23.80
CA LEU A 82 3.79 -23.47 23.89
C LEU A 82 3.67 -24.50 24.99
N ARG A 83 4.66 -25.40 25.09
CA ARG A 83 4.64 -26.44 26.10
C ARG A 83 4.75 -25.86 27.50
N TYR A 84 5.64 -24.90 27.70
CA TYR A 84 5.85 -24.34 29.04
C TYR A 84 4.57 -23.69 29.57
N TYR A 85 3.82 -23.02 28.71
CA TYR A 85 2.62 -22.30 29.12
C TYR A 85 1.33 -23.06 28.81
N ASN A 86 1.43 -24.26 28.23
CA ASN A 86 0.26 -25.09 27.93
C ASN A 86 -0.72 -24.35 27.01
N GLN A 87 -0.17 -23.77 25.94
CA GLN A 87 -0.96 -23.00 24.99
C GLN A 87 -1.18 -23.79 23.69
N SER A 88 -2.32 -23.50 23.04
CA SER A 88 -2.73 -24.18 21.83
C SER A 88 -1.94 -23.71 20.61
N GLU A 89 -1.91 -24.58 19.62
CA GLU A 89 -1.32 -24.29 18.32
C GLU A 89 -2.07 -23.17 17.57
N ALA A 90 -3.34 -22.94 17.91
CA ALA A 90 -4.18 -22.00 17.18
C ALA A 90 -3.77 -20.54 17.42
N GLY A 91 -3.25 -20.22 18.60
CA GLY A 91 -2.91 -18.85 18.92
C GLY A 91 -1.63 -18.37 18.26
N SER A 92 -1.50 -17.06 18.18
CA SER A 92 -0.32 -16.39 17.63
C SER A 92 0.48 -15.78 18.77
N HIS A 93 1.76 -16.12 18.86
CA HIS A 93 2.64 -15.65 19.92
C HIS A 93 3.94 -15.11 19.32
N ILE A 94 4.65 -14.31 20.13
CA ILE A 94 5.87 -13.65 19.69
C ILE A 94 6.98 -13.96 20.69
N ILE A 95 8.18 -14.19 20.17
CA ILE A 95 9.39 -14.24 20.97
C ILE A 95 10.26 -13.07 20.52
N GLN A 96 10.73 -12.28 21.48
CA GLN A 96 11.58 -11.14 21.19
C GLN A 96 12.88 -11.30 21.95
N VAL A 97 14.00 -11.10 21.25
CA VAL A 97 15.31 -11.22 21.84
C VAL A 97 16.08 -9.93 21.59
N MET A 98 16.71 -9.43 22.64
CA MET A 98 17.54 -8.23 22.58
C MET A 98 18.87 -8.55 23.22
N TYR A 99 19.96 -8.35 22.49
CA TYR A 99 21.29 -8.55 23.05
C TYR A 99 22.22 -7.49 22.49
N GLY A 100 23.17 -7.08 23.30
CA GLY A 100 24.03 -5.99 22.90
C GLY A 100 25.03 -5.63 23.99
N CYS A 101 25.92 -4.72 23.61
CA CYS A 101 27.07 -4.25 24.38
C CYS A 101 27.21 -2.72 24.53
N ASP A 102 27.53 -2.24 25.73
CA ASP A 102 27.73 -0.82 25.97
C ASP A 102 29.22 -0.55 26.15
N VAL A 103 29.74 0.46 25.46
CA VAL A 103 31.14 0.84 25.58
C VAL A 103 31.24 2.31 25.93
N GLY A 104 32.33 2.68 26.58
CA GLY A 104 32.62 4.05 26.93
C GLY A 104 33.39 4.77 25.85
N PRO A 105 33.81 6.01 26.15
CA PRO A 105 34.62 6.76 25.16
C PRO A 105 35.87 6.00 24.74
N ASP A 106 36.53 5.30 25.66
CA ASP A 106 37.66 4.46 25.30
C ASP A 106 37.23 3.34 24.36
N GLY A 107 36.02 2.82 24.55
CA GLY A 107 35.50 1.69 23.83
C GLY A 107 35.58 0.37 24.56
N ARG A 108 36.26 0.32 25.69
CA ARG A 108 36.09 -0.77 26.65
C ARG A 108 34.62 -0.95 27.02
N LEU A 109 34.20 -2.21 27.02
CA LEU A 109 32.84 -2.59 27.37
C LEU A 109 32.45 -2.15 28.78
N LEU A 110 31.28 -1.52 28.85
CA LEU A 110 30.68 -1.06 30.08
C LEU A 110 29.58 -1.98 30.59
N ARG A 111 28.73 -2.44 29.68
CA ARG A 111 27.61 -3.30 30.04
C ARG A 111 27.28 -4.34 28.99
N GLY A 112 26.84 -5.51 29.43
CA GLY A 112 26.47 -6.60 28.54
C GLY A 112 24.99 -6.90 28.65
N HIS A 113 24.33 -7.02 27.51
CA HIS A 113 22.90 -7.28 27.48
C HIS A 113 22.37 -8.49 26.73
N ASP A 114 21.29 -9.07 27.25
CA ASP A 114 20.65 -10.20 26.61
C ASP A 114 19.33 -10.40 27.31
N GLN A 115 18.22 -9.83 26.83
CA GLN A 115 16.91 -9.97 27.46
C GLN A 115 16.02 -10.74 26.48
N SER A 116 15.28 -11.73 26.95
CA SER A 116 14.39 -12.50 26.09
C SER A 116 12.95 -12.23 26.57
N ALA A 117 12.01 -12.10 25.65
CA ALA A 117 10.63 -11.82 26.04
C ALA A 117 9.70 -12.79 25.34
N TYR A 118 8.62 -13.15 26.03
CA TYR A 118 7.59 -14.00 25.46
C TYR A 118 6.26 -13.28 25.58
N ASP A 119 5.58 -13.11 24.44
CA ASP A 119 4.30 -12.41 24.37
C ASP A 119 4.38 -11.05 25.05
N GLY A 120 5.40 -10.28 24.69
CA GLY A 120 5.52 -8.92 25.18
C GLY A 120 5.81 -8.82 26.66
N LYS A 121 6.22 -9.90 27.31
CA LYS A 121 6.49 -9.92 28.73
C LYS A 121 7.93 -10.39 28.95
N ASP A 122 8.53 -9.91 30.03
CA ASP A 122 9.89 -10.36 30.35
C ASP A 122 9.88 -11.87 30.49
N TYR A 123 10.90 -12.52 29.94
CA TYR A 123 11.03 -13.97 30.05
C TYR A 123 12.32 -14.33 30.78
N ILE A 124 13.46 -14.13 30.18
CA ILE A 124 14.74 -14.45 30.80
C ILE A 124 15.76 -13.39 30.36
N ALA A 125 16.64 -13.01 31.28
CA ALA A 125 17.63 -11.99 30.99
C ALA A 125 18.97 -12.37 31.57
N LEU A 126 20.03 -12.07 30.84
CA LEU A 126 21.39 -12.23 31.35
C LEU A 126 21.68 -11.12 32.34
N ASN A 127 22.21 -11.50 33.51
CA ASN A 127 22.47 -10.53 34.55
C ASN A 127 23.70 -9.69 34.21
N GLU A 128 23.87 -8.59 34.94
CA GLU A 128 24.96 -7.66 34.67
C GLU A 128 26.32 -8.35 34.80
N ASP A 129 26.44 -9.29 35.73
CA ASP A 129 27.70 -10.01 35.90
C ASP A 129 28.09 -10.80 34.66
N LEU A 130 27.12 -11.12 33.80
CA LEU A 130 27.30 -11.89 32.56
C LEU A 130 27.54 -13.37 32.83
N SER A 131 27.24 -13.83 34.05
CA SER A 131 27.41 -15.23 34.43
C SER A 131 26.14 -15.89 34.94
N SER A 132 25.09 -15.11 35.24
CA SER A 132 23.87 -15.64 35.85
C SER A 132 22.65 -15.13 35.11
N TRP A 133 21.50 -15.74 35.39
CA TRP A 133 20.27 -15.44 34.69
C TRP A 133 19.19 -14.99 35.67
N THR A 134 18.29 -14.14 35.17
CA THR A 134 17.10 -13.72 35.90
C THR A 134 15.87 -14.17 35.13
N ALA A 135 14.99 -14.92 35.79
CA ALA A 135 13.82 -15.51 35.16
C ALA A 135 12.56 -14.82 35.66
N ALA A 136 11.69 -14.47 34.72
CA ALA A 136 10.46 -13.75 35.09
C ALA A 136 9.43 -14.68 35.72
N ASP A 137 9.35 -15.93 35.26
CA ASP A 137 8.29 -16.83 35.70
C ASP A 137 8.83 -18.25 35.79
N THR A 138 7.97 -19.16 36.28
CA THR A 138 8.35 -20.56 36.41
C THR A 138 8.67 -21.19 35.07
N ALA A 139 7.99 -20.77 34.00
CA ALA A 139 8.30 -21.30 32.67
C ALA A 139 9.71 -20.93 32.24
N ALA A 140 10.12 -19.68 32.50
CA ALA A 140 11.49 -19.29 32.19
C ALA A 140 12.50 -20.01 33.07
N GLN A 141 12.11 -20.35 34.30
CA GLN A 141 13.00 -21.07 35.19
C GLN A 141 13.38 -22.43 34.61
N ILE A 142 12.45 -23.07 33.90
CA ILE A 142 12.79 -24.30 33.18
C ILE A 142 13.88 -24.00 32.15
N THR A 143 13.70 -22.93 31.37
CA THR A 143 14.72 -22.53 30.42
C THR A 143 15.99 -22.09 31.13
N GLN A 144 15.85 -21.42 32.28
CA GLN A 144 17.03 -21.02 33.04
C GLN A 144 17.88 -22.21 33.42
N ARG A 145 17.25 -23.28 33.93
CA ARG A 145 18.02 -24.44 34.37
C ARG A 145 18.75 -25.10 33.21
N LYS A 146 18.11 -25.16 32.04
CA LYS A 146 18.79 -25.70 30.86
C LYS A 146 19.99 -24.86 30.49
N TRP A 147 19.85 -23.54 30.55
CA TRP A 147 20.95 -22.66 30.16
C TRP A 147 22.08 -22.71 31.17
N GLU A 148 21.75 -22.92 32.46
CA GLU A 148 22.80 -23.16 33.45
C GLU A 148 23.53 -24.45 33.15
N ALA A 149 22.79 -25.51 32.80
CA ALA A 149 23.38 -26.82 32.54
C ALA A 149 24.24 -26.80 31.29
N ALA A 150 23.79 -26.12 30.23
CA ALA A 150 24.54 -26.05 28.98
C ALA A 150 25.60 -24.96 28.98
N ARG A 151 25.79 -24.27 30.10
CA ARG A 151 26.77 -23.19 30.23
C ARG A 151 26.58 -22.14 29.15
N VAL A 152 25.33 -21.76 28.90
CA VAL A 152 25.04 -20.79 27.85
C VAL A 152 25.66 -19.44 28.19
N ALA A 153 25.68 -19.07 29.47
CA ALA A 153 26.19 -17.77 29.88
C ALA A 153 27.65 -17.59 29.47
N GLU A 154 28.45 -18.67 29.52
CA GLU A 154 29.86 -18.56 29.15
C GLU A 154 30.02 -18.11 27.70
N GLN A 155 29.18 -18.61 26.79
CA GLN A 155 29.29 -18.20 25.40
C GLN A 155 28.86 -16.76 25.19
N LEU A 156 27.79 -16.32 25.87
CA LEU A 156 27.34 -14.94 25.71
C LEU A 156 28.36 -13.95 26.25
N ARG A 157 28.94 -14.25 27.41
CA ARG A 157 29.99 -13.38 27.95
C ARG A 157 31.15 -13.28 26.97
N ALA A 158 31.53 -14.41 26.36
CA ALA A 158 32.61 -14.38 25.37
C ALA A 158 32.25 -13.52 24.17
N TYR A 159 31.02 -13.65 23.67
CA TYR A 159 30.60 -12.82 22.53
C TYR A 159 30.50 -11.35 22.92
N LEU A 160 29.86 -11.07 24.06
CA LEU A 160 29.68 -9.68 24.48
C LEU A 160 31.02 -9.00 24.75
N GLU A 161 31.93 -9.69 25.43
CA GLU A 161 33.20 -9.09 25.82
C GLU A 161 34.17 -8.95 24.66
N GLY A 162 34.06 -9.81 23.64
CA GLY A 162 34.99 -9.77 22.53
C GLY A 162 34.38 -9.41 21.20
N LEU A 163 33.69 -10.37 20.56
CA LEU A 163 33.26 -10.18 19.17
C LEU A 163 32.43 -8.92 18.99
N CYS A 164 31.55 -8.66 19.97
CA CYS A 164 30.68 -7.47 19.96
C CYS A 164 31.42 -6.13 20.08
N VAL A 165 32.39 -6.06 20.98
CA VAL A 165 33.21 -4.86 21.15
C VAL A 165 34.09 -4.65 19.93
N GLU A 166 34.57 -5.73 19.33
CA GLU A 166 35.49 -5.58 18.21
C GLU A 166 34.74 -5.18 16.94
N TRP A 167 33.51 -5.67 16.76
CA TRP A 167 32.69 -5.21 15.64
C TRP A 167 32.11 -3.83 15.90
N LEU A 168 31.74 -3.53 17.14
CA LEU A 168 31.21 -2.20 17.45
C LEU A 168 32.29 -1.14 17.26
N ARG A 169 33.50 -1.41 17.74
CA ARG A 169 34.63 -0.51 17.49
C ARG A 169 34.88 -0.34 16.00
N ARG A 170 34.69 -1.41 15.22
CA ARG A 170 34.92 -1.33 13.78
C ARG A 170 33.84 -0.50 13.09
N TYR A 171 32.58 -0.69 13.47
CA TYR A 171 31.50 0.09 12.86
C TYR A 171 31.64 1.57 13.18
N LEU A 172 32.06 1.89 14.41
CA LEU A 172 32.20 3.28 14.80
C LEU A 172 33.28 4.00 14.01
N GLU A 173 34.32 3.28 13.57
CA GLU A 173 35.37 3.92 12.78
C GLU A 173 35.05 3.93 11.30
N ASN A 174 34.37 2.89 10.81
CA ASN A 174 33.99 2.87 9.39
C ASN A 174 32.93 3.91 9.10
N GLY A 175 32.03 4.15 10.06
CA GLY A 175 31.03 5.18 9.94
C GLY A 175 31.36 6.30 10.91
N LYS A 176 32.66 6.56 11.09
CA LYS A 176 33.09 7.61 12.01
C LYS A 176 32.47 8.93 11.62
N GLU A 177 32.26 9.12 10.31
CA GLU A 177 31.71 10.36 9.80
C GLU A 177 30.27 10.54 10.26
N THR A 178 29.43 9.53 10.06
CA THR A 178 28.02 9.67 10.45
C THR A 178 27.81 9.34 11.93
N LEU A 179 28.43 8.26 12.42
CA LEU A 179 28.10 7.78 13.75
C LEU A 179 28.67 8.68 14.85
N GLN A 180 29.90 9.15 14.69
CA GLN A 180 30.53 9.91 15.76
C GLN A 180 30.38 11.41 15.61
N ARG A 181 29.70 11.90 14.59
CA ARG A 181 29.45 13.33 14.46
C ARG A 181 28.02 13.62 14.88
N ALA A 182 27.86 14.67 15.67
CA ALA A 182 26.61 14.98 16.33
C ALA A 182 25.92 16.13 15.58
N ASP A 183 24.74 15.88 15.08
CA ASP A 183 23.99 16.99 14.50
C ASP A 183 23.23 17.71 15.61
N PRO A 184 23.38 19.02 15.73
CA PRO A 184 22.61 19.75 16.73
C PRO A 184 21.21 20.02 16.22
N PRO A 185 20.23 20.17 17.11
CA PRO A 185 18.89 20.50 16.63
C PRO A 185 18.83 21.94 16.21
N LYS A 186 17.99 22.21 15.22
CA LYS A 186 17.65 23.58 14.91
C LYS A 186 16.35 23.90 15.61
N THR A 187 16.33 25.00 16.34
CA THR A 187 15.28 25.26 17.31
C THR A 187 14.58 26.58 16.98
N HIS A 188 13.28 26.59 17.21
CA HIS A 188 12.49 27.81 17.12
C HIS A 188 11.19 27.57 17.88
N VAL A 189 10.53 28.67 18.24
CA VAL A 189 9.30 28.62 19.01
C VAL A 189 8.17 29.17 18.16
N THR A 190 7.04 28.48 18.15
CA THR A 190 5.86 28.90 17.41
C THR A 190 4.72 29.17 18.39
N HIS A 191 3.85 30.10 18.00
CA HIS A 191 2.73 30.57 18.80
C HIS A 191 1.44 30.19 18.09
N HIS A 192 0.58 29.46 18.79
CA HIS A 192 -0.70 29.08 18.24
C HIS A 192 -1.84 29.48 19.14
N PRO A 193 -2.59 30.50 18.83
CA PRO A 193 -3.69 30.87 19.70
C PRO A 193 -4.82 29.85 19.75
N ILE A 194 -5.27 29.55 20.96
CA ILE A 194 -6.37 28.65 21.17
C ILE A 194 -7.63 29.48 21.16
N SER A 195 -7.50 30.68 21.67
CA SER A 195 -8.62 31.53 21.83
C SER A 195 -8.11 32.91 21.90
N ASP A 196 -8.95 33.80 22.36
CA ASP A 196 -8.46 35.18 22.51
C ASP A 196 -7.67 35.36 23.80
N HIS A 197 -7.94 34.56 24.82
CA HIS A 197 -7.25 34.67 26.10
C HIS A 197 -6.23 33.57 26.34
N GLU A 198 -6.11 32.61 25.43
CA GLU A 198 -5.24 31.46 25.65
C GLU A 198 -4.50 31.12 24.37
N ALA A 199 -3.27 30.63 24.52
CA ALA A 199 -2.46 30.25 23.37
C ALA A 199 -1.49 29.14 23.76
N THR A 200 -1.01 28.42 22.74
CA THR A 200 -0.05 27.33 22.92
C THR A 200 1.33 27.76 22.44
N LEU A 201 2.33 27.55 23.29
CA LEU A 201 3.73 27.79 22.93
C LEU A 201 4.39 26.45 22.65
N ARG A 202 4.93 26.29 21.45
CA ARG A 202 5.55 25.04 21.02
C ARG A 202 7.05 25.25 20.82
N CYS A 203 7.85 24.45 21.51
CA CYS A 203 9.30 24.45 21.34
C CYS A 203 9.72 23.33 20.41
N TRP A 204 10.50 23.66 19.39
CA TRP A 204 10.80 22.74 18.30
C TRP A 204 12.28 22.38 18.28
N ALA A 205 12.56 21.08 18.14
CA ALA A 205 13.90 20.58 17.83
C ALA A 205 13.80 19.67 16.64
N LEU A 206 14.59 19.94 15.59
CA LEU A 206 14.51 19.18 14.35
C LEU A 206 15.91 18.84 13.85
N GLY A 207 15.99 17.71 13.15
CA GLY A 207 17.20 17.26 12.50
C GLY A 207 18.40 17.07 13.40
N PHE A 208 18.21 16.48 14.57
CA PHE A 208 19.29 16.27 15.53
C PHE A 208 19.62 14.79 15.65
N TYR A 209 20.92 14.49 15.71
CA TYR A 209 21.43 13.16 16.00
C TYR A 209 22.52 13.30 17.07
N PRO A 210 22.53 12.45 18.09
CA PRO A 210 21.62 11.33 18.37
C PRO A 210 20.25 11.74 18.92
N ALA A 211 19.36 10.75 19.03
CA ALA A 211 17.97 11.01 19.40
C ALA A 211 17.84 11.59 20.80
N GLU A 212 18.80 11.34 21.68
CA GLU A 212 18.71 11.83 23.05
C GLU A 212 18.74 13.35 23.08
N ILE A 213 17.73 13.94 23.73
CA ILE A 213 17.59 15.40 23.79
C ILE A 213 16.72 15.71 25.00
N THR A 214 16.85 16.93 25.52
CA THR A 214 16.04 17.37 26.65
C THR A 214 15.34 18.67 26.29
N LEU A 215 14.01 18.64 26.28
CA LEU A 215 13.17 19.80 26.02
C LEU A 215 12.40 20.11 27.29
N THR A 216 12.52 21.33 27.79
CA THR A 216 11.83 21.72 29.02
C THR A 216 11.32 23.15 28.89
N TRP A 217 10.18 23.41 29.53
CA TRP A 217 9.56 24.72 29.57
C TRP A 217 9.63 25.29 30.98
N GLN A 218 10.04 26.54 31.09
CA GLN A 218 10.16 27.25 32.36
C GLN A 218 9.36 28.54 32.29
N ARG A 219 8.60 28.84 33.34
CA ARG A 219 7.87 30.10 33.42
C ARG A 219 8.47 30.91 34.57
N ASP A 220 9.10 32.03 34.19
CA ASP A 220 9.97 32.85 35.05
C ASP A 220 11.13 32.02 35.54
N GLY A 221 11.47 30.93 34.90
CA GLY A 221 12.60 30.18 35.41
C GLY A 221 12.23 29.08 36.39
N GLU A 222 10.93 28.86 36.54
CA GLU A 222 10.43 27.80 37.40
C GLU A 222 10.07 26.75 36.43
N ASP A 223 10.42 25.51 36.71
CA ASP A 223 10.12 24.43 35.80
C ASP A 223 8.65 24.09 35.70
N GLN A 224 8.23 23.61 34.55
CA GLN A 224 6.85 23.24 34.33
C GLN A 224 6.69 21.86 33.70
N THR A 225 7.14 20.83 34.40
CA THR A 225 6.96 19.45 33.92
C THR A 225 5.50 19.04 33.98
N GLN A 226 4.82 19.41 35.07
CA GLN A 226 3.39 19.12 35.22
C GLN A 226 2.61 19.54 33.98
N ASP A 227 2.80 20.79 33.55
CA ASP A 227 1.94 21.42 32.55
C ASP A 227 2.52 21.38 31.14
N THR A 228 3.60 20.65 30.91
CA THR A 228 4.21 20.56 29.58
C THR A 228 3.74 19.27 28.90
N GLU A 229 3.28 19.40 27.66
CA GLU A 229 3.00 18.23 26.83
C GLU A 229 4.24 17.91 26.04
N LEU A 230 4.83 16.74 26.31
CA LEU A 230 6.06 16.28 25.70
C LEU A 230 5.76 15.07 24.81
N VAL A 231 6.05 15.18 23.52
CA VAL A 231 5.80 14.09 22.59
C VAL A 231 7.03 13.21 22.50
N GLU A 232 6.81 11.96 22.07
CA GLU A 232 7.92 11.04 21.86
C GLU A 232 8.86 11.56 20.79
N THR A 233 10.16 11.36 21.01
CA THR A 233 11.12 11.67 19.96
C THR A 233 10.84 10.78 18.76
N ARG A 234 10.77 11.38 17.58
CA ARG A 234 10.35 10.67 16.39
C ARG A 234 11.34 10.88 15.27
N PRO A 235 11.52 9.88 14.40
CA PRO A 235 12.40 10.04 13.25
C PRO A 235 11.80 10.91 12.17
N ALA A 236 12.67 11.68 11.51
CA ALA A 236 12.28 12.43 10.33
C ALA A 236 12.42 11.63 9.04
N GLY A 237 13.00 10.43 9.11
CA GLY A 237 13.23 9.62 7.93
C GLY A 237 14.57 9.83 7.25
N ASP A 238 15.36 10.81 7.70
CA ASP A 238 16.69 11.06 7.17
C ASP A 238 17.78 10.73 8.19
N ARG A 239 17.47 9.82 9.11
CA ARG A 239 18.34 9.35 10.19
C ARG A 239 18.55 10.41 11.27
N THR A 240 17.76 11.48 11.25
CA THR A 240 17.72 12.45 12.31
C THR A 240 16.36 12.40 12.99
N PHE A 241 16.21 13.15 14.07
CA PHE A 241 15.03 13.04 14.90
C PHE A 241 14.42 14.41 15.17
N GLN A 242 13.15 14.41 15.55
CA GLN A 242 12.41 15.62 15.91
C GLN A 242 11.73 15.42 17.26
N LYS A 243 11.52 16.52 17.97
CA LYS A 243 10.76 16.48 19.20
C LYS A 243 10.20 17.88 19.46
N TRP A 244 9.08 17.96 20.18
CA TRP A 244 8.58 19.26 20.60
C TRP A 244 7.89 19.16 21.95
N ALA A 245 7.85 20.29 22.65
CA ALA A 245 7.19 20.45 23.93
C ALA A 245 6.26 21.66 23.86
N ALA A 246 5.06 21.53 24.42
CA ALA A 246 4.06 22.58 24.34
C ALA A 246 3.49 22.89 25.72
N VAL A 247 3.19 24.17 25.94
CA VAL A 247 2.51 24.63 27.15
C VAL A 247 1.40 25.59 26.72
N VAL A 248 0.31 25.58 27.48
CA VAL A 248 -0.81 26.47 27.23
C VAL A 248 -0.68 27.68 28.16
N VAL A 249 -0.65 28.86 27.55
CA VAL A 249 -0.27 30.09 28.23
C VAL A 249 -1.44 31.08 28.23
N PRO A 250 -1.70 31.78 29.33
CA PRO A 250 -2.63 32.91 29.27
C PRO A 250 -2.06 34.05 28.44
N SER A 251 -2.95 34.78 27.77
CA SER A 251 -2.53 35.90 26.94
C SER A 251 -1.81 36.95 27.77
N GLY A 252 -0.65 37.39 27.28
CA GLY A 252 0.14 38.39 27.95
C GLY A 252 1.22 37.85 28.87
N GLU A 253 1.32 36.53 29.03
CA GLU A 253 2.35 35.92 29.86
C GLU A 253 3.41 35.22 29.02
N GLU A 254 3.36 35.36 27.69
CA GLU A 254 4.22 34.60 26.80
C GLU A 254 5.70 34.86 27.07
N GLN A 255 6.06 36.09 27.42
CA GLN A 255 7.46 36.42 27.63
C GLN A 255 8.02 35.76 28.88
N ARG A 256 7.16 35.46 29.87
CA ARG A 256 7.62 34.78 31.08
C ARG A 256 8.13 33.37 30.78
N TYR A 257 7.55 32.71 29.78
CA TYR A 257 7.93 31.34 29.46
C TYR A 257 9.23 31.27 28.68
N THR A 258 10.04 30.26 29.00
CA THR A 258 11.30 30.00 28.32
C THR A 258 11.41 28.51 28.02
N CYS A 259 12.06 28.19 26.92
CA CYS A 259 12.30 26.82 26.51
C CYS A 259 13.80 26.53 26.54
N HIS A 260 14.16 25.38 27.10
CA HIS A 260 15.56 25.03 27.18
C HIS A 260 15.84 23.74 26.43
N VAL A 261 16.82 23.78 25.54
CA VAL A 261 17.16 22.63 24.76
C VAL A 261 18.55 22.15 25.06
N GLN A 262 18.67 20.88 25.42
CA GLN A 262 19.97 20.28 25.72
C GLN A 262 20.29 19.19 24.72
N HIS A 263 21.46 19.28 24.10
CA HIS A 263 21.89 18.29 23.15
C HIS A 263 23.40 18.20 23.07
N GLU A 264 23.88 17.06 22.61
CA GLU A 264 25.32 16.82 22.43
C GLU A 264 25.93 17.72 21.36
N GLY A 265 25.15 18.12 20.35
CA GLY A 265 25.63 19.04 19.36
C GLY A 265 25.79 20.46 19.86
N LEU A 266 25.00 20.85 20.86
CA LEU A 266 25.01 22.22 21.36
C LEU A 266 26.22 22.47 22.26
N PRO A 267 26.91 23.60 22.08
CA PRO A 267 28.03 23.92 22.99
C PRO A 267 27.57 24.25 24.39
N LYS A 268 26.47 24.98 24.49
CA LYS A 268 25.91 25.52 25.71
C LYS A 268 24.41 25.24 25.63
N PRO A 269 23.72 24.88 26.73
CA PRO A 269 22.27 24.66 26.58
C PRO A 269 21.57 25.95 26.16
N LEU A 270 20.78 25.88 25.08
CA LEU A 270 20.13 27.09 24.59
C LEU A 270 18.91 27.46 25.43
N THR A 271 18.58 28.75 25.44
CA THR A 271 17.37 29.24 26.07
C THR A 271 16.58 30.02 25.01
N LEU A 272 15.31 29.69 24.81
CA LEU A 272 14.49 30.34 23.78
C LEU A 272 13.17 30.92 24.24
N ARG A 273 12.70 31.88 23.47
CA ARG A 273 11.47 32.60 23.76
C ARG A 273 10.77 32.86 22.44
N TRP A 274 9.51 33.27 22.48
CA TRP A 274 8.76 33.57 21.29
C TRP A 274 9.19 34.92 20.72
N GLU A 275 9.55 34.94 19.44
CA GLU A 275 10.02 36.14 18.75
C GLU A 275 9.05 36.45 17.61
N PRO A 276 7.98 37.22 17.88
CA PRO A 276 7.02 37.51 16.81
C PRO A 276 7.40 38.68 15.93
N HIS A 277 8.43 39.45 16.29
CA HIS A 277 8.89 40.53 15.43
C HIS A 277 9.31 40.00 14.06
N HIS A 278 10.05 38.90 14.05
CA HIS A 278 10.56 38.32 12.82
C HIS A 278 9.44 37.65 12.02
N ILE B 1 -1.70 -9.88 26.82
CA ILE B 1 -1.32 -8.52 27.16
C ILE B 1 -1.20 -7.68 25.87
N GLN B 2 -1.96 -6.58 25.77
CA GLN B 2 -1.92 -5.74 24.59
C GLN B 2 -1.88 -4.26 24.92
N ARG B 3 -1.03 -3.55 24.18
CA ARG B 3 -0.72 -2.15 24.39
C ARG B 3 -1.04 -1.39 23.11
N THR B 4 -1.83 -0.31 23.24
CA THR B 4 -2.35 0.42 22.09
C THR B 4 -1.26 1.26 21.43
N PRO B 5 -1.25 1.34 20.10
CA PRO B 5 -0.24 2.17 19.43
C PRO B 5 -0.52 3.65 19.61
N LYS B 6 0.57 4.43 19.64
CA LYS B 6 0.54 5.87 19.68
C LYS B 6 0.94 6.41 18.31
N ILE B 7 0.18 7.37 17.80
CA ILE B 7 0.31 7.83 16.42
C ILE B 7 0.76 9.29 16.41
N GLN B 8 1.68 9.59 15.48
CA GLN B 8 2.08 10.95 15.18
C GLN B 8 2.15 11.10 13.66
N VAL B 9 1.47 12.12 13.13
CA VAL B 9 1.50 12.45 11.71
C VAL B 9 2.20 13.80 11.57
N TYR B 10 3.22 13.85 10.73
CA TYR B 10 4.04 15.05 10.61
C TYR B 10 4.83 14.98 9.31
N SER B 11 5.35 16.13 8.92
CA SER B 11 6.22 16.25 7.75
C SER B 11 7.68 16.25 8.17
N ARG B 12 8.55 15.89 7.24
CA ARG B 12 9.98 15.82 7.54
C ARG B 12 10.57 17.19 7.78
N HIS B 13 10.14 18.19 7.04
CA HIS B 13 10.55 19.57 7.22
C HIS B 13 9.32 20.45 7.36
N PRO B 14 9.48 21.68 7.86
CA PRO B 14 8.32 22.57 8.00
C PRO B 14 7.61 22.77 6.68
N ALA B 15 6.28 22.69 6.73
CA ALA B 15 5.46 22.65 5.53
C ALA B 15 5.47 23.99 4.80
N GLU B 16 5.69 23.93 3.48
CA GLU B 16 5.60 25.07 2.59
C GLU B 16 4.77 24.65 1.38
N ASN B 17 3.67 25.36 1.13
CA ASN B 17 2.75 24.95 0.08
C ASN B 17 3.45 24.93 -1.27
N GLY B 18 3.16 23.87 -2.05
CA GLY B 18 3.74 23.72 -3.37
C GLY B 18 5.16 23.19 -3.42
N LYS B 19 5.78 22.90 -2.27
CA LYS B 19 7.15 22.40 -2.23
C LYS B 19 7.17 20.97 -1.72
N SER B 20 7.93 20.12 -2.40
CA SER B 20 7.95 18.70 -2.08
C SER B 20 8.45 18.45 -0.66
N ASN B 21 7.87 17.44 -0.02
CA ASN B 21 8.19 17.07 1.35
C ASN B 21 7.92 15.58 1.51
N PHE B 22 8.13 15.09 2.72
CA PHE B 22 7.83 13.70 3.07
C PHE B 22 6.78 13.68 4.16
N LEU B 23 5.76 12.85 4.01
CA LEU B 23 4.73 12.67 5.02
C LEU B 23 5.07 11.46 5.88
N ASN B 24 5.05 11.65 7.20
CA ASN B 24 5.47 10.60 8.13
C ASN B 24 4.31 10.24 9.05
N CYS B 25 4.08 8.94 9.22
CA CYS B 25 3.22 8.43 10.29
C CYS B 25 4.06 7.51 11.16
N TYR B 26 4.25 7.90 12.42
CA TYR B 26 5.06 7.15 13.37
C TYR B 26 4.14 6.48 14.38
N VAL B 27 4.20 5.14 14.42
CA VAL B 27 3.40 4.35 15.35
C VAL B 27 4.37 3.67 16.32
N SER B 28 4.05 3.73 17.62
CA SER B 28 4.96 3.22 18.63
C SER B 28 4.19 2.71 19.82
N GLY B 29 4.88 1.99 20.68
CA GLY B 29 4.31 1.52 21.93
C GLY B 29 3.16 0.55 21.77
N PHE B 30 3.17 -0.30 20.74
CA PHE B 30 2.08 -1.23 20.51
C PHE B 30 2.57 -2.66 20.56
N HIS B 31 1.71 -3.55 21.06
CA HIS B 31 1.92 -4.98 21.10
C HIS B 31 0.56 -5.67 20.94
N PRO B 32 0.46 -6.73 20.13
CA PRO B 32 1.52 -7.37 19.35
C PRO B 32 1.91 -6.60 18.09
N SER B 33 2.78 -7.19 17.25
CA SER B 33 3.38 -6.44 16.16
C SER B 33 2.41 -6.18 15.01
N ASP B 34 1.43 -7.05 14.81
CA ASP B 34 0.51 -6.91 13.68
C ASP B 34 -0.23 -5.58 13.78
N ILE B 35 -0.09 -4.75 12.74
CA ILE B 35 -0.72 -3.45 12.70
C ILE B 35 -0.95 -3.07 11.25
N GLU B 36 -1.99 -2.28 11.01
CA GLU B 36 -2.36 -1.85 9.67
C GLU B 36 -2.37 -0.33 9.65
N VAL B 37 -1.48 0.27 8.85
CA VAL B 37 -1.32 1.71 8.79
C VAL B 37 -1.42 2.16 7.34
N ASP B 38 -2.23 3.19 7.10
CA ASP B 38 -2.38 3.78 5.77
C ASP B 38 -2.30 5.30 5.87
N LEU B 39 -1.72 5.90 4.84
CA LEU B 39 -1.66 7.35 4.73
C LEU B 39 -2.69 7.81 3.71
N LEU B 40 -3.52 8.77 4.10
CA LEU B 40 -4.67 9.17 3.31
C LEU B 40 -4.48 10.60 2.81
N LYS B 41 -4.77 10.81 1.53
CA LYS B 41 -4.82 12.14 0.93
C LYS B 41 -6.25 12.38 0.48
N ASN B 42 -6.91 13.36 1.08
CA ASN B 42 -8.32 13.65 0.82
C ASN B 42 -9.19 12.43 1.16
N GLY B 43 -8.82 11.72 2.23
CA GLY B 43 -9.56 10.57 2.70
C GLY B 43 -9.40 9.30 1.89
N GLU B 44 -8.52 9.28 0.90
CA GLU B 44 -8.28 8.10 0.09
C GLU B 44 -6.84 7.65 0.28
N ARG B 45 -6.63 6.34 0.20
CA ARG B 45 -5.33 5.76 0.50
C ARG B 45 -4.29 6.16 -0.54
N ILE B 46 -3.10 6.50 -0.07
CA ILE B 46 -2.01 6.90 -0.95
C ILE B 46 -1.38 5.64 -1.55
N GLU B 47 -1.20 5.65 -2.87
CA GLU B 47 -0.87 4.43 -3.60
C GLU B 47 0.44 3.81 -3.11
N LYS B 48 1.52 4.58 -3.11
CA LYS B 48 2.81 4.04 -2.74
C LYS B 48 3.24 4.62 -1.40
N VAL B 49 3.54 3.72 -0.47
CA VAL B 49 3.88 4.06 0.91
C VAL B 49 4.97 3.10 1.34
N GLU B 50 5.90 3.59 2.15
CA GLU B 50 7.01 2.80 2.63
C GLU B 50 7.00 2.79 4.16
N HIS B 51 7.48 1.69 4.75
CA HIS B 51 7.67 1.63 6.19
C HIS B 51 9.04 1.06 6.52
N SER B 52 9.54 1.48 7.68
CA SER B 52 10.80 1.00 8.22
C SER B 52 10.66 -0.42 8.73
N ASP B 53 11.81 -1.06 8.98
CA ASP B 53 11.79 -2.42 9.49
C ASP B 53 11.31 -2.43 10.93
N LEU B 54 10.61 -3.50 11.29
CA LEU B 54 9.97 -3.54 12.60
C LEU B 54 11.01 -3.74 13.69
N SER B 55 10.89 -2.96 14.75
CA SER B 55 11.79 -3.03 15.89
C SER B 55 10.98 -2.66 17.12
N PHE B 56 11.61 -2.82 18.28
CA PHE B 56 10.93 -2.53 19.53
C PHE B 56 11.88 -1.81 20.47
N SER B 57 11.30 -1.09 21.43
CA SER B 57 12.07 -0.38 22.43
C SER B 57 12.32 -1.30 23.62
N LYS B 58 12.95 -0.76 24.67
CA LYS B 58 13.36 -1.61 25.79
C LYS B 58 12.16 -2.18 26.55
N ASP B 59 11.02 -1.50 26.53
CA ASP B 59 9.81 -2.06 27.15
C ASP B 59 9.12 -3.09 26.27
N TRP B 60 9.77 -3.53 25.19
CA TRP B 60 9.31 -4.56 24.25
C TRP B 60 8.18 -4.09 23.36
N SER B 61 7.91 -2.79 23.30
CA SER B 61 6.82 -2.29 22.48
C SER B 61 7.34 -1.94 21.09
N PHE B 62 6.57 -2.31 20.07
CA PHE B 62 7.03 -2.16 18.70
C PHE B 62 6.82 -0.74 18.21
N TYR B 63 7.66 -0.31 17.25
CA TYR B 63 7.52 0.99 16.63
C TYR B 63 7.82 0.86 15.14
N LEU B 64 7.10 1.65 14.34
CA LEU B 64 7.26 1.66 12.90
C LEU B 64 7.04 3.08 12.40
N LEU B 65 7.71 3.41 11.29
CA LEU B 65 7.51 4.68 10.60
C LEU B 65 7.04 4.41 9.18
N TYR B 66 5.93 5.01 8.80
CA TYR B 66 5.39 4.91 7.45
C TYR B 66 5.54 6.27 6.79
N TYR B 67 6.12 6.29 5.59
CA TYR B 67 6.45 7.56 4.95
C TYR B 67 6.16 7.49 3.45
N THR B 68 5.84 8.66 2.90
CA THR B 68 5.64 8.82 1.47
C THR B 68 6.09 10.23 1.08
N GLU B 69 6.32 10.41 -0.23
CA GLU B 69 6.61 11.72 -0.77
C GLU B 69 5.31 12.45 -1.06
N PHE B 70 5.23 13.72 -0.65
CA PHE B 70 4.04 14.50 -0.92
C PHE B 70 4.40 15.97 -1.05
N THR B 71 3.49 16.73 -1.64
CA THR B 71 3.63 18.17 -1.76
C THR B 71 2.42 18.84 -1.12
N PRO B 72 2.58 19.51 0.03
CA PRO B 72 1.41 20.04 0.75
C PRO B 72 0.77 21.23 0.06
N THR B 73 -0.53 21.37 0.20
CA THR B 73 -1.23 22.49 -0.37
C THR B 73 -2.34 22.84 0.57
N GLU B 74 -2.91 24.01 0.36
CA GLU B 74 -4.02 24.49 1.16
C GLU B 74 -5.23 23.59 0.97
N LYS B 75 -5.46 23.21 -0.28
CA LYS B 75 -6.60 22.36 -0.65
C LYS B 75 -6.67 20.91 -0.17
N ASP B 76 -5.56 20.18 -0.22
CA ASP B 76 -5.56 18.78 0.15
C ASP B 76 -5.44 18.47 1.64
N GLU B 77 -6.10 17.39 2.05
CA GLU B 77 -6.05 16.90 3.43
C GLU B 77 -5.26 15.60 3.51
N TYR B 78 -4.38 15.51 4.48
CA TYR B 78 -3.57 14.32 4.70
C TYR B 78 -3.86 13.75 6.08
N ALA B 79 -3.91 12.43 6.18
CA ALA B 79 -4.25 11.78 7.44
C ALA B 79 -3.54 10.43 7.51
N CYS B 80 -3.48 9.89 8.73
CA CYS B 80 -2.93 8.55 8.96
C CYS B 80 -4.01 7.67 9.58
N ARG B 81 -4.20 6.49 8.99
CA ARG B 81 -5.19 5.50 9.40
C ARG B 81 -4.45 4.32 10.02
N VAL B 82 -4.77 4.01 11.28
CA VAL B 82 -4.10 2.92 12.01
C VAL B 82 -5.16 1.94 12.50
N ASN B 83 -4.94 0.66 12.24
CA ASN B 83 -5.78 -0.42 12.75
C ASN B 83 -4.91 -1.40 13.51
N HIS B 84 -5.36 -1.80 14.69
CA HIS B 84 -4.62 -2.68 15.57
C HIS B 84 -5.61 -3.56 16.33
N VAL B 85 -5.10 -4.62 16.94
CA VAL B 85 -5.95 -5.46 17.77
C VAL B 85 -6.49 -4.67 18.96
N THR B 86 -5.71 -3.70 19.46
CA THR B 86 -6.14 -2.91 20.60
C THR B 86 -7.30 -1.98 20.26
N LEU B 87 -7.46 -1.67 18.98
CA LEU B 87 -8.53 -0.75 18.56
C LEU B 87 -9.77 -1.41 17.99
N SER B 88 -10.91 -1.08 18.56
CA SER B 88 -12.19 -1.62 18.12
C SER B 88 -12.52 -1.17 16.70
N GLN B 89 -12.23 0.09 16.41
CA GLN B 89 -12.46 0.68 15.09
C GLN B 89 -11.18 1.42 14.74
N PRO B 90 -10.80 1.42 13.47
CA PRO B 90 -9.55 2.10 13.14
C PRO B 90 -9.56 3.57 13.52
N LYS B 91 -8.44 4.06 14.04
CA LYS B 91 -8.33 5.46 14.45
C LYS B 91 -7.67 6.25 13.33
N ILE B 92 -8.29 7.37 12.96
CA ILE B 92 -7.76 8.25 11.92
C ILE B 92 -7.21 9.51 12.59
N VAL B 93 -5.96 9.82 12.32
CA VAL B 93 -5.28 11.01 12.83
C VAL B 93 -4.96 11.89 11.63
N LYS B 94 -5.50 13.10 11.61
CA LYS B 94 -5.28 13.98 10.49
C LYS B 94 -4.06 14.85 10.70
N TRP B 95 -3.34 15.13 9.63
CA TRP B 95 -2.14 15.93 9.69
C TRP B 95 -2.36 17.38 9.98
N ASP B 96 -1.60 17.92 10.93
CA ASP B 96 -1.64 19.32 11.25
C ASP B 96 -0.22 19.79 11.12
N ARG B 97 -0.01 20.85 10.36
CA ARG B 97 1.32 21.37 10.15
C ARG B 97 1.88 21.87 11.47
N ASP B 98 1.00 22.33 12.33
CA ASP B 98 1.37 22.87 13.62
C ASP B 98 2.06 21.88 14.53
N MET B 99 1.66 20.62 14.47
CA MET B 99 2.29 19.60 15.28
C MET B 99 2.85 18.50 14.40
N GLY C 1 -11.71 -5.80 -37.48
CA GLY C 1 -12.48 -5.18 -38.56
C GLY C 1 -13.01 -3.82 -38.17
N SER C 2 -14.04 -3.80 -37.32
CA SER C 2 -14.60 -2.57 -36.79
C SER C 2 -13.83 -2.17 -35.53
N HIS C 3 -13.69 -0.86 -35.33
CA HIS C 3 -12.91 -0.34 -34.22
C HIS C 3 -13.66 0.80 -33.55
N SER C 4 -13.29 1.07 -32.30
CA SER C 4 -13.95 2.11 -31.52
C SER C 4 -12.96 2.80 -30.61
N MET C 5 -13.25 4.07 -30.32
CA MET C 5 -12.55 4.85 -29.30
C MET C 5 -13.58 5.37 -28.31
N ARG C 6 -13.27 5.26 -27.02
CA ARG C 6 -14.16 5.78 -25.99
C ARG C 6 -13.39 6.47 -24.89
N TYR C 7 -14.01 7.49 -24.32
CA TYR C 7 -13.50 8.21 -23.16
C TYR C 7 -14.47 8.03 -22.01
N PHE C 8 -13.93 7.76 -20.83
CA PHE C 8 -14.72 7.57 -19.62
C PHE C 8 -14.33 8.62 -18.59
N TYR C 9 -15.31 9.40 -18.16
CA TYR C 9 -15.11 10.39 -17.10
C TYR C 9 -15.78 9.87 -15.84
N THR C 10 -15.08 9.99 -14.71
CA THR C 10 -15.67 9.71 -13.40
C THR C 10 -15.43 10.91 -12.51
N ALA C 11 -16.53 11.52 -12.04
CA ALA C 11 -16.49 12.66 -11.14
C ALA C 11 -17.10 12.25 -9.81
N MET C 12 -16.33 12.37 -8.74
CA MET C 12 -16.67 11.79 -7.45
C MET C 12 -16.56 12.85 -6.37
N SER C 13 -17.68 13.17 -5.73
CA SER C 13 -17.70 14.18 -4.68
C SER C 13 -17.41 13.52 -3.33
N ARG C 14 -16.55 14.15 -2.55
CA ARG C 14 -16.24 13.70 -1.19
C ARG C 14 -16.51 14.85 -0.23
N PRO C 15 -17.58 14.79 0.57
CA PRO C 15 -17.89 15.91 1.47
C PRO C 15 -17.04 15.84 2.73
N GLY C 16 -16.46 16.99 3.11
CA GLY C 16 -15.59 17.06 4.25
C GLY C 16 -14.19 16.50 4.04
N ARG C 17 -13.92 15.95 2.86
CA ARG C 17 -12.61 15.40 2.51
C ARG C 17 -12.04 16.08 1.28
N GLY C 18 -12.48 17.30 1.00
CA GLY C 18 -11.91 18.16 -0.03
C GLY C 18 -12.74 18.16 -1.31
N GLU C 19 -12.16 18.81 -2.32
CA GLU C 19 -12.59 18.82 -3.72
C GLU C 19 -13.06 17.46 -4.24
N PRO C 20 -14.09 17.46 -5.08
CA PRO C 20 -14.42 16.26 -5.86
C PRO C 20 -13.28 15.84 -6.78
N ARG C 21 -13.13 14.53 -6.94
CA ARG C 21 -12.07 13.94 -7.76
C ARG C 21 -12.61 13.57 -9.14
N PHE C 22 -11.85 13.92 -10.18
CA PHE C 22 -12.21 13.67 -11.57
C PHE C 22 -11.16 12.77 -12.22
N ILE C 23 -11.59 11.62 -12.73
CA ILE C 23 -10.71 10.67 -13.39
C ILE C 23 -11.20 10.45 -14.82
N ALA C 24 -10.29 10.57 -15.78
CA ALA C 24 -10.59 10.33 -17.18
C ALA C 24 -9.65 9.26 -17.74
N VAL C 25 -10.22 8.27 -18.42
CA VAL C 25 -9.46 7.21 -19.07
C VAL C 25 -9.90 7.11 -20.53
N GLY C 26 -8.95 6.88 -21.42
CA GLY C 26 -9.24 6.74 -22.84
C GLY C 26 -8.92 5.35 -23.36
N TYR C 27 -9.85 4.76 -24.11
CA TYR C 27 -9.71 3.42 -24.64
C TYR C 27 -9.86 3.44 -26.15
N VAL C 28 -8.96 2.76 -26.85
CA VAL C 28 -9.15 2.44 -28.26
C VAL C 28 -9.38 0.93 -28.34
N ASP C 29 -10.59 0.53 -28.72
CA ASP C 29 -11.02 -0.87 -28.70
C ASP C 29 -10.83 -1.39 -27.28
N ASP C 30 -10.03 -2.44 -27.08
CA ASP C 30 -9.80 -3.00 -25.76
C ASP C 30 -8.52 -2.49 -25.11
N THR C 31 -7.84 -1.52 -25.71
CA THR C 31 -6.60 -0.99 -25.18
C THR C 31 -6.82 0.42 -24.64
N GLN C 32 -6.37 0.65 -23.41
CA GLN C 32 -6.39 1.97 -22.81
C GLN C 32 -5.09 2.68 -23.17
N PHE C 33 -5.18 3.95 -23.57
CA PHE C 33 -4.01 4.70 -24.01
C PHE C 33 -3.74 5.98 -23.23
N VAL C 34 -4.72 6.53 -22.50
CA VAL C 34 -4.51 7.78 -21.79
C VAL C 34 -5.22 7.72 -20.44
N ARG C 35 -4.82 8.65 -19.56
CA ARG C 35 -5.40 8.77 -18.24
C ARG C 35 -5.23 10.19 -17.73
N PHE C 36 -6.08 10.56 -16.77
CA PHE C 36 -5.99 11.84 -16.08
C PHE C 36 -6.61 11.66 -14.70
N ASP C 37 -5.94 12.18 -13.67
CA ASP C 37 -6.46 12.10 -12.32
C ASP C 37 -6.24 13.44 -11.62
N SER C 38 -7.29 14.00 -11.09
CA SER C 38 -7.24 15.26 -10.38
C SER C 38 -6.40 15.21 -9.12
N ASP C 39 -6.37 14.07 -8.45
CA ASP C 39 -5.65 13.96 -7.19
C ASP C 39 -4.13 13.99 -7.37
N ALA C 40 -3.63 13.79 -8.58
CA ALA C 40 -2.18 13.90 -8.80
C ALA C 40 -1.70 15.30 -8.42
N ALA C 41 -0.45 15.36 -7.93
CA ALA C 41 0.11 16.65 -7.52
C ALA C 41 0.19 17.60 -8.70
N SER C 42 0.63 17.09 -9.86
CA SER C 42 0.68 17.86 -11.11
C SER C 42 -0.26 17.16 -12.10
N PRO C 43 -1.55 17.51 -12.10
CA PRO C 43 -2.52 16.81 -12.95
C PRO C 43 -2.19 16.98 -14.43
N ARG C 44 -1.98 15.87 -15.10
CA ARG C 44 -1.67 15.89 -16.50
C ARG C 44 -2.23 14.68 -17.17
N MET C 45 -2.46 14.77 -18.48
CA MET C 45 -2.91 13.63 -19.22
C MET C 45 -1.66 12.79 -19.42
N ALA C 46 -1.75 11.49 -19.27
CA ALA C 46 -0.60 10.64 -19.42
C ALA C 46 -0.89 9.49 -20.34
N PRO C 47 0.15 8.91 -20.89
CA PRO C 47 -0.02 7.79 -21.83
C PRO C 47 0.04 6.42 -21.16
N ARG C 48 -0.88 5.55 -21.57
CA ARG C 48 -0.94 4.17 -21.08
C ARG C 48 -0.73 3.15 -22.19
N ALA C 49 -0.37 3.58 -23.39
CA ALA C 49 -0.04 2.67 -24.49
C ALA C 49 1.20 3.19 -25.19
N PRO C 50 1.99 2.29 -25.79
CA PRO C 50 3.23 2.74 -26.44
C PRO C 50 2.99 3.61 -27.67
N TRP C 51 1.99 3.28 -28.50
CA TRP C 51 1.81 4.00 -29.76
C TRP C 51 1.37 5.44 -29.56
N ILE C 52 0.67 5.75 -28.47
CA ILE C 52 0.25 7.14 -28.22
C ILE C 52 1.42 8.04 -27.83
N GLU C 53 2.56 7.49 -27.43
CA GLU C 53 3.65 8.34 -26.94
C GLU C 53 4.26 9.23 -28.01
N GLN C 54 4.13 8.86 -29.26
CA GLN C 54 4.71 9.64 -30.35
C GLN C 54 4.14 11.04 -30.43
N GLU C 55 2.96 11.24 -29.86
CA GLU C 55 2.33 12.54 -29.91
C GLU C 55 3.15 13.63 -29.25
N GLY C 56 3.11 14.80 -29.84
CA GLY C 56 3.84 15.96 -29.38
C GLY C 56 3.25 16.63 -28.18
N PRO C 57 3.97 17.59 -27.64
CA PRO C 57 3.53 18.32 -26.44
C PRO C 57 2.29 19.16 -26.66
N GLU C 58 2.13 19.73 -27.86
CA GLU C 58 0.92 20.45 -28.20
C GLU C 58 -0.32 19.56 -28.06
N TYR C 59 -0.18 18.25 -28.28
CA TYR C 59 -1.29 17.33 -28.01
C TYR C 59 -1.49 17.13 -26.52
N TRP C 60 -0.40 16.81 -25.80
CA TRP C 60 -0.52 16.51 -24.38
C TRP C 60 -0.97 17.72 -23.58
N ASP C 61 -0.51 18.92 -23.95
CA ASP C 61 -0.93 20.11 -23.24
C ASP C 61 -2.39 20.44 -23.54
N GLY C 62 -2.83 20.22 -24.79
CA GLY C 62 -4.22 20.45 -25.12
C GLY C 62 -5.16 19.53 -24.35
N GLU C 63 -4.81 18.25 -24.24
CA GLU C 63 -5.63 17.32 -23.49
C GLU C 63 -5.65 17.67 -22.00
N THR C 64 -4.51 18.09 -21.46
CA THR C 64 -4.44 18.39 -20.03
C THR C 64 -5.33 19.57 -19.66
N ARG C 65 -5.31 20.64 -20.46
CA ARG C 65 -6.14 21.79 -20.15
C ARG C 65 -7.61 21.45 -20.32
N ASN C 66 -7.94 20.56 -21.27
CA ASN C 66 -9.31 20.13 -21.45
C ASN C 66 -9.78 19.31 -20.25
N MET C 67 -8.95 18.41 -19.75
CA MET C 67 -9.32 17.61 -18.58
C MET C 67 -9.44 18.48 -17.34
N LYS C 68 -8.55 19.46 -17.17
CA LYS C 68 -8.67 20.36 -16.03
C LYS C 68 -9.94 21.17 -16.12
N ALA C 69 -10.28 21.67 -17.31
CA ALA C 69 -11.52 22.40 -17.50
C ALA C 69 -12.73 21.49 -17.29
N SER C 70 -12.66 20.26 -17.82
CA SER C 70 -13.78 19.33 -17.66
C SER C 70 -14.02 18.99 -16.21
N ALA C 71 -12.95 18.85 -15.42
CA ALA C 71 -13.10 18.57 -14.00
C ALA C 71 -13.89 19.68 -13.30
N GLN C 72 -13.61 20.94 -13.63
CA GLN C 72 -14.34 22.04 -13.02
C GLN C 72 -15.80 22.07 -13.48
N THR C 73 -16.05 21.73 -14.74
CA THR C 73 -17.42 21.66 -15.22
C THR C 73 -18.23 20.62 -14.45
N TYR C 74 -17.65 19.41 -14.31
CA TYR C 74 -18.35 18.34 -13.61
C TYR C 74 -18.37 18.56 -12.11
N ARG C 75 -17.44 19.34 -11.58
CA ARG C 75 -17.52 19.72 -10.17
C ARG C 75 -18.83 20.46 -9.89
N GLU C 76 -19.25 21.35 -10.78
CA GLU C 76 -20.53 22.01 -10.55
C GLU C 76 -21.70 21.21 -11.10
N ASN C 77 -21.47 20.34 -12.08
CA ASN C 77 -22.52 19.40 -12.49
C ASN C 77 -22.93 18.51 -11.34
N LEU C 78 -21.99 18.19 -10.45
CA LEU C 78 -22.34 17.44 -9.24
C LEU C 78 -23.26 18.26 -8.34
N ARG C 79 -23.02 19.57 -8.24
CA ARG C 79 -23.87 20.41 -7.39
C ARG C 79 -25.21 20.71 -8.03
N ILE C 80 -25.26 20.79 -9.36
CA ILE C 80 -26.55 20.88 -10.05
C ILE C 80 -27.37 19.62 -9.79
N ALA C 81 -26.70 18.46 -9.78
CA ALA C 81 -27.40 17.21 -9.52
C ALA C 81 -28.01 17.20 -8.12
N LEU C 82 -27.32 17.81 -7.15
CA LEU C 82 -27.89 17.93 -5.81
C LEU C 82 -29.20 18.69 -5.83
N ARG C 83 -29.27 19.78 -6.61
CA ARG C 83 -30.48 20.58 -6.67
C ARG C 83 -31.65 19.80 -7.28
N TYR C 84 -31.38 19.09 -8.38
CA TYR C 84 -32.46 18.36 -9.04
C TYR C 84 -33.05 17.28 -8.14
N TYR C 85 -32.20 16.60 -7.37
CA TYR C 85 -32.65 15.49 -6.52
C TYR C 85 -32.86 15.87 -5.07
N ASN C 86 -32.61 17.13 -4.69
CA ASN C 86 -32.83 17.61 -3.33
C ASN C 86 -32.07 16.78 -2.31
N GLN C 87 -30.78 16.57 -2.57
CA GLN C 87 -29.93 15.78 -1.70
C GLN C 87 -29.02 16.68 -0.89
N SER C 88 -28.68 16.23 0.31
CA SER C 88 -27.87 17.03 1.20
C SER C 88 -26.40 17.04 0.74
N GLU C 89 -25.70 18.08 1.16
CA GLU C 89 -24.27 18.19 0.87
C GLU C 89 -23.45 17.11 1.57
N ALA C 90 -23.98 16.48 2.62
CA ALA C 90 -23.19 15.54 3.40
C ALA C 90 -22.90 14.26 2.63
N GLY C 91 -23.80 13.83 1.74
CA GLY C 91 -23.59 12.60 1.01
C GLY C 91 -22.59 12.73 -0.13
N SER C 92 -22.05 11.59 -0.54
CA SER C 92 -21.09 11.49 -1.64
C SER C 92 -21.78 10.89 -2.86
N HIS C 93 -21.65 11.56 -4.00
CA HIS C 93 -22.31 11.13 -5.23
C HIS C 93 -21.30 11.09 -6.37
N ILE C 94 -21.66 10.35 -7.43
CA ILE C 94 -20.78 10.10 -8.56
C ILE C 94 -21.50 10.44 -9.86
N ILE C 95 -20.78 11.08 -10.79
CA ILE C 95 -21.23 11.29 -12.16
C ILE C 95 -20.29 10.53 -13.09
N GLN C 96 -20.86 9.76 -14.02
CA GLN C 96 -20.10 9.00 -15.00
C GLN C 96 -20.53 9.37 -16.40
N VAL C 97 -19.55 9.56 -17.29
CA VAL C 97 -19.77 9.92 -18.68
C VAL C 97 -19.08 8.92 -19.59
N MET C 98 -19.79 8.47 -20.63
CA MET C 98 -19.28 7.56 -21.63
C MET C 98 -19.52 8.17 -23.01
N TYR C 99 -18.45 8.41 -23.76
CA TYR C 99 -18.65 8.92 -25.11
C TYR C 99 -17.55 8.40 -26.03
N GLY C 100 -17.91 8.23 -27.30
CA GLY C 100 -17.00 7.68 -28.28
C GLY C 100 -17.70 7.44 -29.60
N CYS C 101 -16.94 6.89 -30.55
CA CYS C 101 -17.43 6.64 -31.90
C CYS C 101 -17.01 5.26 -32.37
N ASP C 102 -17.89 4.62 -33.13
CA ASP C 102 -17.67 3.31 -33.70
C ASP C 102 -17.49 3.45 -35.20
N VAL C 103 -16.46 2.80 -35.75
CA VAL C 103 -16.17 2.86 -37.18
C VAL C 103 -16.09 1.44 -37.73
N GLY C 104 -16.32 1.33 -39.04
CA GLY C 104 -16.18 0.07 -39.74
C GLY C 104 -14.76 -0.08 -40.26
N PRO C 105 -14.49 -1.14 -41.01
CA PRO C 105 -13.13 -1.34 -41.57
C PRO C 105 -12.60 -0.20 -42.44
N ASP C 106 -13.44 0.36 -43.31
CA ASP C 106 -13.11 1.53 -44.14
C ASP C 106 -12.86 2.79 -43.30
N GLY C 107 -13.54 2.90 -42.16
CA GLY C 107 -13.60 4.12 -41.39
C GLY C 107 -14.91 4.86 -41.48
N ARG C 108 -15.96 4.33 -42.11
CA ARG C 108 -17.26 5.00 -41.96
C ARG C 108 -17.57 5.18 -40.47
N LEU C 109 -18.03 6.37 -40.07
CA LEU C 109 -18.60 6.47 -38.72
C LEU C 109 -19.79 5.52 -38.69
N LEU C 110 -19.82 4.57 -37.76
CA LEU C 110 -20.95 3.69 -37.72
C LEU C 110 -21.92 4.13 -36.66
N ARG C 111 -21.37 4.42 -35.49
CA ARG C 111 -22.19 4.84 -34.37
C ARG C 111 -21.48 5.84 -33.48
N GLY C 112 -22.26 6.70 -32.85
CA GLY C 112 -21.78 7.73 -31.96
C GLY C 112 -22.44 7.57 -30.61
N HIS C 113 -21.65 7.67 -29.57
CA HIS C 113 -22.14 7.51 -28.20
C HIS C 113 -21.85 8.64 -27.23
N ASP C 114 -22.87 9.04 -26.48
CA ASP C 114 -22.74 10.04 -25.44
C ASP C 114 -23.70 9.62 -24.33
N GLN C 115 -23.18 8.96 -23.30
CA GLN C 115 -24.01 8.47 -22.19
C GLN C 115 -23.58 9.04 -20.85
N SER C 116 -24.56 9.45 -20.04
CA SER C 116 -24.25 10.01 -18.73
C SER C 116 -25.04 9.29 -17.65
N ALA C 117 -24.40 9.13 -16.50
CA ALA C 117 -24.98 8.44 -15.36
C ALA C 117 -24.71 9.22 -14.09
N TYR C 118 -25.65 9.13 -13.16
CA TYR C 118 -25.52 9.73 -11.84
C TYR C 118 -25.73 8.63 -10.80
N ASP C 119 -24.74 8.43 -9.95
CA ASP C 119 -24.77 7.40 -8.92
C ASP C 119 -25.15 6.02 -9.48
N GLY C 120 -24.43 5.62 -10.53
CA GLY C 120 -24.54 4.29 -11.11
C GLY C 120 -25.84 3.97 -11.81
N LYS C 121 -26.68 4.97 -12.07
CA LYS C 121 -27.94 4.76 -12.76
C LYS C 121 -27.99 5.66 -13.98
N ASP C 122 -28.72 5.23 -15.01
CA ASP C 122 -28.84 6.00 -16.24
C ASP C 122 -29.36 7.41 -15.95
N TYR C 123 -28.76 8.40 -16.60
CA TYR C 123 -29.20 9.79 -16.46
C TYR C 123 -29.67 10.33 -17.80
N ILE C 124 -28.79 10.58 -18.75
CA ILE C 124 -29.17 11.08 -20.06
C ILE C 124 -28.22 10.49 -21.09
N ALA C 125 -28.75 10.18 -22.28
CA ALA C 125 -27.96 9.58 -23.34
C ALA C 125 -28.32 10.20 -24.68
N LEU C 126 -27.31 10.40 -25.52
CA LEU C 126 -27.51 10.84 -26.89
C LEU C 126 -28.03 9.68 -27.73
N ASN C 127 -29.10 9.91 -28.49
CA ASN C 127 -29.71 8.87 -29.28
C ASN C 127 -28.86 8.56 -30.50
N GLU C 128 -29.20 7.44 -31.16
CA GLU C 128 -28.42 6.99 -32.32
C GLU C 128 -28.40 8.03 -33.44
N ASP C 129 -29.51 8.76 -33.63
CA ASP C 129 -29.58 9.77 -34.67
C ASP C 129 -28.58 10.90 -34.47
N LEU C 130 -28.07 11.07 -33.24
CA LEU C 130 -27.11 12.11 -32.90
C LEU C 130 -27.76 13.49 -32.88
N SER C 131 -29.10 13.52 -32.85
CA SER C 131 -29.85 14.76 -32.82
C SER C 131 -30.79 14.91 -31.63
N SER C 132 -31.11 13.83 -30.91
CA SER C 132 -32.07 13.87 -29.83
C SER C 132 -31.52 13.13 -28.61
N TRP C 133 -32.17 13.35 -27.47
CA TRP C 133 -31.74 12.84 -26.18
C TRP C 133 -32.79 11.94 -25.54
N THR C 134 -32.32 10.99 -24.74
CA THR C 134 -33.17 10.15 -23.92
C THR C 134 -32.84 10.37 -22.45
N ALA C 135 -33.84 10.75 -21.66
CA ALA C 135 -33.68 11.09 -20.25
C ALA C 135 -34.32 10.02 -19.39
N ALA C 136 -33.60 9.58 -18.36
CA ALA C 136 -34.09 8.49 -17.51
C ALA C 136 -35.19 8.96 -16.56
N ASP C 137 -35.09 10.18 -16.04
CA ASP C 137 -36.02 10.63 -15.02
C ASP C 137 -36.28 12.13 -15.19
N THR C 138 -37.21 12.64 -14.39
CA THR C 138 -37.59 14.05 -14.47
C THR C 138 -36.40 14.96 -14.21
N ALA C 139 -35.47 14.56 -13.35
CA ALA C 139 -34.26 15.35 -13.14
C ALA C 139 -33.46 15.47 -14.43
N ALA C 140 -33.32 14.37 -15.16
CA ALA C 140 -32.62 14.42 -16.45
C ALA C 140 -33.38 15.24 -17.49
N GLN C 141 -34.71 15.25 -17.42
CA GLN C 141 -35.48 16.03 -18.39
C GLN C 141 -35.17 17.52 -18.26
N ILE C 142 -34.90 17.99 -17.05
CA ILE C 142 -34.45 19.37 -16.86
C ILE C 142 -33.17 19.62 -17.63
N THR C 143 -32.21 18.70 -17.51
CA THR C 143 -30.96 18.84 -18.24
C THR C 143 -31.19 18.73 -19.75
N GLN C 144 -32.11 17.85 -20.16
CA GLN C 144 -32.41 17.70 -21.57
C GLN C 144 -32.89 19.02 -22.18
N ARG C 145 -33.79 19.72 -21.48
CA ARG C 145 -34.34 20.95 -22.03
C ARG C 145 -33.26 22.01 -22.24
N LYS C 146 -32.31 22.10 -21.30
CA LYS C 146 -31.19 23.01 -21.52
C LYS C 146 -30.37 22.61 -22.72
N TRP C 147 -30.11 21.31 -22.88
CA TRP C 147 -29.27 20.84 -23.99
C TRP C 147 -29.97 20.99 -25.33
N GLU C 148 -31.30 20.84 -25.36
CA GLU C 148 -32.04 21.13 -26.58
C GLU C 148 -31.90 22.61 -26.94
N ALA C 149 -32.03 23.49 -25.94
CA ALA C 149 -31.99 24.93 -26.18
C ALA C 149 -30.60 25.38 -26.62
N ALA C 150 -29.55 24.84 -26.03
CA ALA C 150 -28.19 25.22 -26.36
C ALA C 150 -27.65 24.46 -27.55
N ARG C 151 -28.46 23.63 -28.20
CA ARG C 151 -28.05 22.87 -29.38
C ARG C 151 -26.77 22.08 -29.11
N VAL C 152 -26.76 21.42 -27.94
CA VAL C 152 -25.58 20.67 -27.52
C VAL C 152 -25.31 19.50 -28.46
N ALA C 153 -26.38 18.84 -28.93
CA ALA C 153 -26.20 17.67 -29.78
C ALA C 153 -25.45 18.02 -31.05
N GLU C 154 -25.69 19.20 -31.61
CA GLU C 154 -24.96 19.62 -32.80
C GLU C 154 -23.47 19.72 -32.51
N GLN C 155 -23.11 20.18 -31.31
CA GLN C 155 -21.70 20.28 -30.94
C GLN C 155 -21.11 18.89 -30.77
N LEU C 156 -21.87 17.98 -30.15
CA LEU C 156 -21.40 16.61 -29.96
C LEU C 156 -21.34 15.85 -31.27
N ARG C 157 -22.36 16.00 -32.11
CA ARG C 157 -22.37 15.35 -33.41
C ARG C 157 -21.16 15.78 -34.25
N ALA C 158 -20.82 17.07 -34.20
CA ALA C 158 -19.63 17.54 -34.91
C ALA C 158 -18.37 16.85 -34.41
N TYR C 159 -18.24 16.71 -33.09
CA TYR C 159 -17.09 16.02 -32.55
C TYR C 159 -17.12 14.54 -32.93
N LEU C 160 -18.28 13.90 -32.78
CA LEU C 160 -18.40 12.50 -33.12
C LEU C 160 -18.17 12.25 -34.61
N GLU C 161 -18.73 13.12 -35.47
CA GLU C 161 -18.61 12.90 -36.91
C GLU C 161 -17.21 13.22 -37.42
N GLY C 162 -16.49 14.12 -36.76
CA GLY C 162 -15.19 14.50 -37.26
C GLY C 162 -14.03 14.12 -36.36
N LEU C 163 -13.83 14.90 -35.30
CA LEU C 163 -12.63 14.77 -34.49
C LEU C 163 -12.46 13.37 -33.91
N CYS C 164 -13.55 12.75 -33.47
CA CYS C 164 -13.44 11.42 -32.88
C CYS C 164 -12.99 10.40 -33.92
N VAL C 165 -13.68 10.37 -35.07
CA VAL C 165 -13.30 9.47 -36.15
C VAL C 165 -11.90 9.80 -36.67
N GLU C 166 -11.59 11.09 -36.75
CA GLU C 166 -10.31 11.55 -37.27
C GLU C 166 -9.13 11.08 -36.44
N TRP C 167 -9.27 11.16 -35.12
CA TRP C 167 -8.22 10.70 -34.21
C TRP C 167 -8.16 9.19 -34.14
N LEU C 168 -9.32 8.55 -34.21
CA LEU C 168 -9.35 7.09 -34.25
C LEU C 168 -8.66 6.60 -35.53
N ARG C 169 -8.76 7.34 -36.61
CA ARG C 169 -8.06 6.99 -37.82
C ARG C 169 -6.56 7.08 -37.56
N ARG C 170 -6.14 8.09 -36.80
CA ARG C 170 -4.73 8.30 -36.51
C ARG C 170 -4.23 7.28 -35.50
N TYR C 171 -5.00 7.01 -34.46
CA TYR C 171 -4.59 6.04 -33.48
C TYR C 171 -4.47 4.65 -34.10
N LEU C 172 -5.42 4.30 -34.95
CA LEU C 172 -5.38 2.99 -35.54
C LEU C 172 -4.14 2.84 -36.39
N GLU C 173 -3.81 3.89 -37.12
CA GLU C 173 -2.61 3.88 -37.94
C GLU C 173 -1.29 3.86 -37.18
N ASN C 174 -1.17 4.68 -36.14
CA ASN C 174 0.06 4.73 -35.37
C ASN C 174 0.36 3.43 -34.69
N GLY C 175 -0.66 2.86 -34.08
CA GLY C 175 -0.51 1.59 -33.40
C GLY C 175 -1.09 0.41 -34.13
N LYS C 176 -0.97 0.38 -35.43
CA LYS C 176 -1.54 -0.68 -36.21
C LYS C 176 -1.05 -2.03 -35.80
N GLU C 177 0.20 -2.11 -35.40
CA GLU C 177 0.80 -3.41 -35.11
C GLU C 177 0.08 -4.05 -33.94
N THR C 178 -0.14 -3.28 -32.87
CA THR C 178 -0.84 -3.81 -31.71
C THR C 178 -2.36 -3.76 -31.89
N LEU C 179 -2.87 -2.63 -32.33
CA LEU C 179 -4.31 -2.47 -32.45
C LEU C 179 -4.99 -3.42 -33.40
N GLN C 180 -4.34 -3.73 -34.49
CA GLN C 180 -4.94 -4.63 -35.48
C GLN C 180 -4.45 -6.06 -35.41
N ARG C 181 -3.72 -6.40 -34.35
CA ARG C 181 -3.13 -7.72 -34.20
C ARG C 181 -4.00 -8.96 -34.14
N ALA C 182 -5.05 -8.95 -33.35
CA ALA C 182 -5.89 -10.15 -33.28
C ALA C 182 -5.18 -11.45 -32.90
N ASP C 183 -4.36 -11.47 -31.86
CA ASP C 183 -3.67 -12.70 -31.41
C ASP C 183 -4.62 -13.76 -30.90
N PRO C 184 -4.36 -15.02 -31.23
CA PRO C 184 -5.25 -16.08 -30.73
C PRO C 184 -4.88 -16.58 -29.34
N PRO C 185 -5.81 -17.30 -28.70
CA PRO C 185 -5.54 -17.86 -27.38
C PRO C 185 -4.71 -19.12 -27.44
N LYS C 186 -3.93 -19.34 -26.38
CA LYS C 186 -3.29 -20.62 -26.13
C LYS C 186 -4.14 -21.39 -25.12
N THR C 187 -4.45 -22.64 -25.45
CA THR C 187 -5.50 -23.40 -24.79
C THR C 187 -4.99 -24.72 -24.24
N HIS C 188 -5.56 -25.12 -23.10
CA HIS C 188 -5.41 -26.48 -22.58
C HIS C 188 -6.50 -26.73 -21.55
N VAL C 189 -6.74 -28.00 -21.28
CA VAL C 189 -7.79 -28.44 -20.37
C VAL C 189 -7.14 -29.10 -19.16
N THR C 190 -7.61 -28.75 -17.97
CA THR C 190 -7.07 -29.29 -16.73
C THR C 190 -8.13 -30.06 -15.98
N HIS C 191 -7.67 -31.05 -15.20
CA HIS C 191 -8.53 -31.98 -14.48
C HIS C 191 -8.28 -31.79 -12.98
N HIS C 192 -9.35 -31.54 -12.24
CA HIS C 192 -9.26 -31.36 -10.81
C HIS C 192 -10.30 -32.23 -10.15
N PRO C 193 -9.86 -33.11 -9.27
CA PRO C 193 -10.73 -34.05 -8.60
C PRO C 193 -11.36 -33.57 -7.34
N ILE C 194 -12.66 -33.50 -7.33
CA ILE C 194 -13.41 -33.13 -6.17
C ILE C 194 -13.38 -34.25 -5.15
N SER C 195 -13.53 -35.46 -5.64
CA SER C 195 -13.56 -36.64 -4.82
C SER C 195 -13.09 -37.76 -5.69
N ASP C 196 -13.34 -38.98 -5.29
CA ASP C 196 -12.97 -40.12 -6.12
C ASP C 196 -13.96 -40.35 -7.25
N HIS C 197 -15.19 -39.84 -7.11
CA HIS C 197 -16.24 -40.03 -8.10
C HIS C 197 -16.55 -38.78 -8.91
N GLU C 198 -15.95 -37.64 -8.58
CA GLU C 198 -16.32 -36.37 -9.21
C GLU C 198 -15.06 -35.57 -9.51
N ALA C 199 -15.11 -34.78 -10.58
CA ALA C 199 -13.98 -33.96 -10.95
C ALA C 199 -14.44 -32.71 -11.69
N THR C 200 -13.59 -31.69 -11.68
CA THR C 200 -13.83 -30.44 -12.38
C THR C 200 -12.99 -30.41 -13.66
N LEU C 201 -13.64 -30.14 -14.78
CA LEU C 201 -12.94 -29.94 -16.05
C LEU C 201 -12.90 -28.45 -16.35
N ARG C 202 -11.69 -27.91 -16.47
CA ARG C 202 -11.49 -26.48 -16.70
C ARG C 202 -10.87 -26.26 -18.07
N CYS C 203 -11.53 -25.46 -18.90
CA CYS C 203 -11.04 -25.07 -20.22
C CYS C 203 -10.35 -23.72 -20.14
N TRP C 204 -9.13 -23.64 -20.65
CA TRP C 204 -8.28 -22.49 -20.49
C TRP C 204 -8.03 -21.80 -21.82
N ALA C 205 -8.17 -20.47 -21.83
CA ALA C 205 -7.74 -19.63 -22.94
C ALA C 205 -6.89 -18.49 -22.35
N LEU C 206 -5.69 -18.30 -22.89
CA LEU C 206 -4.77 -17.32 -22.35
C LEU C 206 -4.16 -16.45 -23.44
N GLY C 207 -3.82 -15.22 -23.06
CA GLY C 207 -3.11 -14.29 -23.93
C GLY C 207 -3.76 -13.94 -25.25
N PHE C 208 -5.07 -13.69 -25.25
CA PHE C 208 -5.79 -13.37 -26.48
C PHE C 208 -6.23 -11.92 -26.49
N TYR C 209 -6.07 -11.27 -27.64
CA TYR C 209 -6.60 -9.95 -27.95
C TYR C 209 -7.27 -10.01 -29.31
N PRO C 210 -8.45 -9.40 -29.48
CA PRO C 210 -9.17 -8.66 -28.45
C PRO C 210 -9.89 -9.55 -27.44
N ALA C 211 -10.43 -8.92 -26.38
CA ALA C 211 -10.99 -9.67 -25.26
C ALA C 211 -12.20 -10.52 -25.66
N GLU C 212 -12.89 -10.17 -26.73
CA GLU C 212 -14.08 -10.91 -27.11
C GLU C 212 -13.72 -12.36 -27.47
N ILE C 213 -14.37 -13.30 -26.81
CA ILE C 213 -14.08 -14.71 -26.96
C ILE C 213 -15.32 -15.50 -26.52
N THR C 214 -15.43 -16.72 -27.02
CA THR C 214 -16.54 -17.59 -26.64
C THR C 214 -15.99 -18.91 -26.12
N LEU C 215 -16.25 -19.20 -24.85
CA LEU C 215 -15.90 -20.47 -24.22
C LEU C 215 -17.17 -21.18 -23.82
N THR C 216 -17.32 -22.42 -24.28
CA THR C 216 -18.51 -23.21 -24.00
C THR C 216 -18.09 -24.66 -23.80
N TRP C 217 -18.88 -25.39 -23.02
CA TRP C 217 -18.63 -26.81 -22.76
C TRP C 217 -19.71 -27.67 -23.38
N GLN C 218 -19.31 -28.73 -24.05
CA GLN C 218 -20.26 -29.62 -24.68
C GLN C 218 -20.05 -31.06 -24.28
N ARG C 219 -21.14 -31.74 -23.95
CA ARG C 219 -21.06 -33.15 -23.61
C ARG C 219 -21.93 -33.86 -24.64
N ASP C 220 -21.31 -34.67 -25.46
CA ASP C 220 -22.03 -35.40 -26.52
C ASP C 220 -22.75 -34.45 -27.48
N GLY C 221 -22.23 -33.22 -27.60
CA GLY C 221 -22.74 -32.27 -28.55
C GLY C 221 -23.85 -31.37 -28.02
N GLU C 222 -24.13 -31.42 -26.73
CA GLU C 222 -25.10 -30.55 -26.09
C GLU C 222 -24.38 -29.58 -25.18
N ASP C 223 -24.62 -28.30 -25.41
CA ASP C 223 -23.94 -27.25 -24.67
C ASP C 223 -24.53 -27.19 -23.27
N GLN C 224 -23.66 -27.01 -22.28
CA GLN C 224 -24.05 -27.03 -20.88
C GLN C 224 -23.99 -25.64 -20.26
N THR C 225 -24.76 -24.68 -20.79
CA THR C 225 -24.73 -23.33 -20.20
C THR C 225 -25.13 -23.38 -18.74
N GLN C 226 -26.20 -24.12 -18.46
CA GLN C 226 -26.68 -24.29 -17.08
C GLN C 226 -25.55 -24.67 -16.15
N ASP C 227 -24.80 -25.69 -16.50
CA ASP C 227 -23.86 -26.32 -15.59
C ASP C 227 -22.42 -25.83 -15.77
N THR C 228 -22.19 -24.79 -16.56
CA THR C 228 -20.86 -24.26 -16.78
C THR C 228 -20.63 -23.04 -15.89
N GLU C 229 -19.50 -23.03 -15.19
CA GLU C 229 -19.06 -21.83 -14.49
C GLU C 229 -18.15 -21.06 -15.43
N LEU C 230 -18.59 -19.89 -15.87
CA LEU C 230 -17.86 -19.06 -16.81
C LEU C 230 -17.41 -17.81 -16.07
N VAL C 231 -16.11 -17.60 -16.00
CA VAL C 231 -15.60 -16.45 -15.27
C VAL C 231 -15.52 -15.26 -16.21
N GLU C 232 -15.55 -14.06 -15.62
CA GLU C 232 -15.43 -12.84 -16.39
C GLU C 232 -14.07 -12.77 -17.07
N THR C 233 -14.05 -12.25 -18.29
CA THR C 233 -12.79 -12.04 -19.00
C THR C 233 -11.91 -11.07 -18.22
N ARG C 234 -10.67 -11.44 -18.01
CA ARG C 234 -9.80 -10.62 -17.20
C ARG C 234 -8.48 -10.29 -17.84
N PRO C 235 -7.93 -9.14 -17.49
CA PRO C 235 -6.63 -8.77 -18.05
C PRO C 235 -5.52 -9.59 -17.42
N ALA C 236 -4.52 -9.92 -18.23
CA ALA C 236 -3.32 -10.55 -17.72
C ALA C 236 -2.28 -9.55 -17.29
N GLY C 237 -2.49 -8.26 -17.55
CA GLY C 237 -1.54 -7.22 -17.25
C GLY C 237 -0.57 -6.89 -18.37
N ASP C 238 -0.59 -7.65 -19.47
CA ASP C 238 0.26 -7.37 -20.63
C ASP C 238 -0.55 -7.00 -21.87
N ARG C 239 -1.75 -6.46 -21.66
CA ARG C 239 -2.70 -6.07 -22.70
C ARG C 239 -3.35 -7.27 -23.39
N THR C 240 -3.23 -8.46 -22.82
CA THR C 240 -3.95 -9.64 -23.29
C THR C 240 -4.94 -10.06 -22.21
N PHE C 241 -5.77 -11.05 -22.53
CA PHE C 241 -6.84 -11.46 -21.63
C PHE C 241 -6.83 -12.97 -21.44
N GLN C 242 -7.45 -13.39 -20.35
CA GLN C 242 -7.60 -14.80 -20.01
C GLN C 242 -9.06 -15.06 -19.63
N LYS C 243 -9.49 -16.30 -19.84
CA LYS C 243 -10.82 -16.75 -19.46
C LYS C 243 -10.79 -18.25 -19.24
N TRP C 244 -11.68 -18.74 -18.39
CA TRP C 244 -11.82 -20.18 -18.29
C TRP C 244 -13.26 -20.57 -18.00
N ALA C 245 -13.61 -21.78 -18.39
CA ALA C 245 -14.92 -22.37 -18.14
C ALA C 245 -14.71 -23.73 -17.47
N ALA C 246 -15.52 -23.99 -16.45
CA ALA C 246 -15.39 -25.22 -15.69
C ALA C 246 -16.73 -25.92 -15.58
N VAL C 247 -16.69 -27.23 -15.66
CA VAL C 247 -17.86 -28.09 -15.46
C VAL C 247 -17.42 -29.21 -14.53
N VAL C 248 -18.34 -29.66 -13.69
CA VAL C 248 -18.08 -30.76 -12.76
C VAL C 248 -18.59 -32.04 -13.40
N VAL C 249 -17.72 -33.03 -13.51
CA VAL C 249 -17.96 -34.22 -14.33
C VAL C 249 -18.02 -35.46 -13.46
N PRO C 250 -18.95 -36.37 -13.69
CA PRO C 250 -18.87 -37.67 -13.03
C PRO C 250 -17.65 -38.44 -13.51
N SER C 251 -17.07 -39.22 -12.60
CA SER C 251 -15.89 -40.01 -12.97
C SER C 251 -16.24 -40.97 -14.10
N GLY C 252 -15.40 -40.98 -15.13
CA GLY C 252 -15.61 -41.84 -16.27
C GLY C 252 -16.34 -41.24 -17.45
N GLU C 253 -16.81 -39.99 -17.35
CA GLU C 253 -17.46 -39.30 -18.47
C GLU C 253 -16.59 -38.21 -19.06
N GLU C 254 -15.32 -38.10 -18.65
CA GLU C 254 -14.48 -36.98 -19.06
C GLU C 254 -14.34 -36.91 -20.58
N GLN C 255 -14.28 -38.05 -21.25
CA GLN C 255 -14.08 -38.06 -22.69
C GLN C 255 -15.30 -37.56 -23.45
N ARG C 256 -16.51 -37.70 -22.88
CA ARG C 256 -17.70 -37.22 -23.57
C ARG C 256 -17.71 -35.70 -23.68
N TYR C 257 -17.11 -35.01 -22.71
CA TYR C 257 -17.11 -33.55 -22.71
C TYR C 257 -16.08 -33.00 -23.69
N THR C 258 -16.46 -31.92 -24.38
CA THR C 258 -15.59 -31.22 -25.30
C THR C 258 -15.72 -29.72 -25.08
N CYS C 259 -14.61 -29.01 -25.29
CA CYS C 259 -14.57 -27.57 -25.14
C CYS C 259 -14.34 -26.93 -26.49
N HIS C 260 -15.12 -25.88 -26.79
CA HIS C 260 -15.06 -25.18 -28.06
C HIS C 260 -14.72 -23.72 -27.83
N VAL C 261 -13.71 -23.24 -28.55
CA VAL C 261 -13.20 -21.90 -28.42
C VAL C 261 -13.39 -21.15 -29.73
N GLN C 262 -14.00 -19.97 -29.65
CA GLN C 262 -14.17 -19.10 -30.81
C GLN C 262 -13.44 -17.80 -30.54
N HIS C 263 -12.55 -17.42 -31.47
CA HIS C 263 -11.82 -16.18 -31.37
C HIS C 263 -11.45 -15.75 -32.78
N GLU C 264 -11.41 -14.44 -33.02
CA GLU C 264 -11.11 -13.96 -34.36
C GLU C 264 -9.65 -14.21 -34.72
N GLY C 265 -8.77 -14.35 -33.72
CA GLY C 265 -7.41 -14.77 -33.98
C GLY C 265 -7.31 -16.21 -34.46
N LEU C 266 -8.27 -17.06 -34.06
CA LEU C 266 -8.29 -18.46 -34.48
C LEU C 266 -8.83 -18.55 -35.92
N PRO C 267 -8.20 -19.36 -36.77
CA PRO C 267 -8.76 -19.54 -38.12
C PRO C 267 -10.08 -20.28 -38.09
N LYS C 268 -10.18 -21.30 -37.26
CA LYS C 268 -11.40 -22.11 -37.13
C LYS C 268 -11.63 -22.40 -35.66
N PRO C 269 -12.88 -22.55 -35.25
CA PRO C 269 -13.15 -22.85 -33.83
C PRO C 269 -12.51 -24.16 -33.39
N LEU C 270 -11.75 -24.10 -32.30
CA LEU C 270 -11.07 -25.28 -31.80
C LEU C 270 -12.05 -26.17 -31.02
N THR C 271 -11.72 -27.45 -30.96
CA THR C 271 -12.41 -28.42 -30.11
C THR C 271 -11.39 -29.07 -29.20
N LEU C 272 -11.67 -29.05 -27.90
CA LEU C 272 -10.70 -29.47 -26.90
C LEU C 272 -11.24 -30.62 -26.07
N ARG C 273 -10.33 -31.44 -25.56
CA ARG C 273 -10.66 -32.59 -24.72
C ARG C 273 -9.54 -32.73 -23.73
N TRP C 274 -9.74 -33.55 -22.71
CA TRP C 274 -8.72 -33.74 -21.69
C TRP C 274 -7.69 -34.74 -22.15
N GLU C 275 -6.41 -34.34 -22.13
CA GLU C 275 -5.29 -35.16 -22.60
C GLU C 275 -4.32 -35.42 -21.46
N PRO C 276 -4.53 -36.47 -20.66
CA PRO C 276 -3.61 -36.83 -19.59
C PRO C 276 -2.49 -37.76 -20.05
N ILE D 1 -28.73 -0.63 -5.69
CA ILE D 1 -28.10 0.68 -5.74
C ILE D 1 -26.60 0.55 -5.52
N GLN D 2 -26.18 -0.47 -4.79
CA GLN D 2 -24.77 -0.71 -4.53
C GLN D 2 -24.48 -2.15 -4.90
N ARG D 3 -23.36 -2.36 -5.58
CA ARG D 3 -23.01 -3.63 -6.18
C ARG D 3 -21.70 -4.13 -5.58
N THR D 4 -21.72 -5.36 -5.07
CA THR D 4 -20.53 -5.92 -4.42
C THR D 4 -19.51 -6.36 -5.47
N PRO D 5 -18.22 -6.20 -5.19
CA PRO D 5 -17.20 -6.54 -6.18
C PRO D 5 -17.05 -8.05 -6.38
N LYS D 6 -16.67 -8.42 -7.60
CA LYS D 6 -16.28 -9.79 -7.91
C LYS D 6 -14.76 -9.81 -7.99
N ILE D 7 -14.14 -10.81 -7.36
CA ILE D 7 -12.70 -10.87 -7.21
C ILE D 7 -12.17 -12.08 -7.96
N GLN D 8 -11.03 -11.90 -8.62
CA GLN D 8 -10.28 -12.99 -9.24
C GLN D 8 -8.81 -12.81 -8.89
N VAL D 9 -8.20 -13.87 -8.35
CA VAL D 9 -6.77 -13.88 -8.04
C VAL D 9 -6.11 -14.92 -8.93
N TYR D 10 -5.07 -14.51 -9.65
CA TYR D 10 -4.44 -15.38 -10.64
C TYR D 10 -3.06 -14.84 -10.98
N SER D 11 -2.27 -15.69 -11.62
CA SER D 11 -0.95 -15.33 -12.13
C SER D 11 -1.06 -15.00 -13.61
N ARG D 12 -0.08 -14.23 -14.10
CA ARG D 12 -0.14 -13.79 -15.49
C ARG D 12 0.10 -14.95 -16.45
N HIS D 13 1.01 -15.85 -16.12
CA HIS D 13 1.27 -17.05 -16.88
C HIS D 13 1.14 -18.24 -15.93
N PRO D 14 1.04 -19.46 -16.46
CA PRO D 14 0.90 -20.63 -15.58
C PRO D 14 2.03 -20.69 -14.58
N ALA D 15 1.66 -20.94 -13.32
CA ALA D 15 2.63 -20.83 -12.23
C ALA D 15 3.69 -21.90 -12.34
N GLU D 16 4.95 -21.48 -12.23
CA GLU D 16 6.10 -22.36 -12.27
C GLU D 16 7.00 -21.97 -11.10
N ASN D 17 7.26 -22.91 -10.19
CA ASN D 17 8.01 -22.58 -8.98
C ASN D 17 9.41 -22.10 -9.33
N GLY D 18 9.86 -21.05 -8.64
CA GLY D 18 11.16 -20.48 -8.86
C GLY D 18 11.28 -19.58 -10.07
N LYS D 19 10.21 -19.42 -10.83
CA LYS D 19 10.23 -18.56 -12.03
C LYS D 19 9.39 -17.32 -11.82
N SER D 20 9.91 -16.16 -12.17
CA SER D 20 9.22 -14.90 -11.93
C SER D 20 7.88 -14.87 -12.67
N ASN D 21 6.91 -14.23 -12.04
CA ASN D 21 5.56 -14.14 -12.58
C ASN D 21 4.94 -12.85 -12.05
N PHE D 22 3.69 -12.60 -12.45
CA PHE D 22 2.91 -11.51 -11.91
C PHE D 22 1.68 -12.05 -11.20
N LEU D 23 1.39 -11.49 -10.02
CA LEU D 23 0.20 -11.80 -9.27
C LEU D 23 -0.87 -10.76 -9.57
N ASN D 24 -2.07 -11.20 -9.93
CA ASN D 24 -3.16 -10.31 -10.32
C ASN D 24 -4.35 -10.48 -9.39
N CYS D 25 -4.91 -9.35 -8.96
CA CYS D 25 -6.21 -9.32 -8.31
C CYS D 25 -7.13 -8.44 -9.14
N TYR D 26 -8.17 -9.04 -9.71
CA TYR D 26 -9.10 -8.32 -10.57
C TYR D 26 -10.43 -8.15 -9.83
N VAL D 27 -10.83 -6.90 -9.62
CA VAL D 27 -12.09 -6.56 -8.95
C VAL D 27 -12.97 -5.84 -9.96
N SER D 28 -14.22 -6.26 -10.04
CA SER D 28 -15.11 -5.72 -11.07
C SER D 28 -16.55 -5.74 -10.56
N GLY D 29 -17.41 -5.05 -11.30
CA GLY D 29 -18.83 -5.06 -11.04
C GLY D 29 -19.24 -4.49 -9.70
N PHE D 30 -18.52 -3.49 -9.21
CA PHE D 30 -18.83 -2.89 -7.92
C PHE D 30 -19.19 -1.42 -8.07
N HIS D 31 -20.11 -0.97 -7.21
CA HIS D 31 -20.52 0.41 -7.06
C HIS D 31 -20.87 0.63 -5.60
N PRO D 32 -20.46 1.75 -4.99
CA PRO D 32 -19.70 2.88 -5.54
C PRO D 32 -18.21 2.60 -5.72
N SER D 33 -17.44 3.65 -6.03
CA SER D 33 -16.06 3.50 -6.46
C SER D 33 -15.10 3.20 -5.32
N ASP D 34 -15.36 3.68 -4.10
CA ASP D 34 -14.41 3.49 -3.00
C ASP D 34 -14.19 2.01 -2.72
N ILE D 35 -12.94 1.58 -2.81
CA ILE D 35 -12.58 0.18 -2.58
C ILE D 35 -11.12 0.12 -2.17
N GLU D 36 -10.79 -0.88 -1.35
CA GLU D 36 -9.43 -1.10 -0.87
C GLU D 36 -9.00 -2.51 -1.22
N VAL D 37 -7.91 -2.63 -1.97
CA VAL D 37 -7.42 -3.91 -2.43
C VAL D 37 -5.97 -4.06 -1.96
N ASP D 38 -5.68 -5.21 -1.37
CA ASP D 38 -4.33 -5.50 -0.89
C ASP D 38 -3.96 -6.90 -1.34
N LEU D 39 -2.67 -7.09 -1.64
CA LEU D 39 -2.14 -8.40 -1.99
C LEU D 39 -1.33 -8.92 -0.81
N LEU D 40 -1.63 -10.15 -0.39
CA LEU D 40 -1.08 -10.72 0.82
C LEU D 40 -0.18 -11.91 0.50
N LYS D 41 0.99 -11.95 1.14
CA LYS D 41 1.88 -13.09 1.12
C LYS D 41 2.02 -13.61 2.55
N ASN D 42 1.55 -14.83 2.78
CA ASN D 42 1.53 -15.42 4.12
C ASN D 42 0.71 -14.56 5.08
N GLY D 43 -0.39 -14.01 4.59
CA GLY D 43 -1.26 -13.20 5.41
C GLY D 43 -0.73 -11.81 5.71
N GLU D 44 0.33 -11.41 5.06
CA GLU D 44 0.86 -10.10 5.30
C GLU D 44 0.79 -9.36 4.00
N ARG D 45 0.60 -8.06 4.07
CA ARG D 45 0.49 -7.21 2.91
C ARG D 45 1.77 -7.05 2.10
N ILE D 46 1.67 -7.09 0.77
CA ILE D 46 2.84 -6.91 -0.09
C ILE D 46 3.23 -5.46 -0.04
N GLU D 47 4.53 -5.16 -0.08
CA GLU D 47 4.99 -3.80 0.18
C GLU D 47 4.42 -2.80 -0.82
N LYS D 48 4.83 -2.93 -2.08
CA LYS D 48 4.38 -2.04 -3.16
C LYS D 48 3.67 -2.83 -4.26
N VAL D 49 2.49 -2.35 -4.65
CA VAL D 49 1.61 -3.02 -5.59
C VAL D 49 1.15 -1.98 -6.59
N GLU D 50 0.85 -2.44 -7.80
CA GLU D 50 0.45 -1.52 -8.85
C GLU D 50 -1.01 -1.75 -9.14
N HIS D 51 -1.72 -0.67 -9.49
CA HIS D 51 -3.13 -0.82 -9.84
C HIS D 51 -3.41 -0.01 -11.10
N SER D 52 -4.37 -0.50 -11.87
CA SER D 52 -4.83 0.23 -13.04
C SER D 52 -5.71 1.41 -12.62
N ASP D 53 -5.89 2.35 -13.55
CA ASP D 53 -6.76 3.48 -13.27
C ASP D 53 -8.22 3.07 -13.33
N LEU D 54 -9.04 3.77 -12.56
CA LEU D 54 -10.42 3.36 -12.39
C LEU D 54 -11.22 3.60 -13.66
N SER D 55 -12.03 2.59 -14.03
CA SER D 55 -12.84 2.64 -15.23
C SER D 55 -14.13 1.89 -14.95
N PHE D 56 -15.10 1.98 -15.87
CA PHE D 56 -16.37 1.33 -15.66
C PHE D 56 -16.87 0.67 -16.94
N SER D 57 -17.76 -0.30 -16.77
CA SER D 57 -18.38 -1.04 -17.86
C SER D 57 -19.70 -0.38 -18.27
N LYS D 58 -20.40 -1.03 -19.22
CA LYS D 58 -21.60 -0.43 -19.78
C LYS D 58 -22.74 -0.34 -18.77
N ASP D 59 -22.77 -1.25 -17.79
CA ASP D 59 -23.75 -1.16 -16.72
C ASP D 59 -23.30 -0.22 -15.60
N TRP D 60 -22.25 0.57 -15.84
CA TRP D 60 -21.72 1.60 -14.96
C TRP D 60 -20.96 1.03 -13.77
N SER D 61 -20.61 -0.25 -13.77
CA SER D 61 -19.92 -0.85 -12.65
C SER D 61 -18.42 -0.71 -12.84
N PHE D 62 -17.71 -0.36 -11.77
CA PHE D 62 -16.29 -0.06 -11.85
C PHE D 62 -15.47 -1.34 -11.85
N TYR D 63 -14.28 -1.27 -12.46
CA TYR D 63 -13.36 -2.39 -12.46
C TYR D 63 -11.93 -1.90 -12.29
N LEU D 64 -11.13 -2.68 -11.57
CA LEU D 64 -9.74 -2.34 -11.26
C LEU D 64 -8.90 -3.62 -11.24
N LEU D 65 -7.63 -3.46 -11.61
CA LEU D 65 -6.66 -4.55 -11.55
C LEU D 65 -5.51 -4.16 -10.64
N TYR D 66 -5.21 -5.00 -9.66
CA TYR D 66 -4.09 -4.82 -8.75
C TYR D 66 -3.09 -5.93 -9.02
N TYR D 67 -1.82 -5.57 -9.25
CA TYR D 67 -0.82 -6.56 -9.61
C TYR D 67 0.50 -6.27 -8.93
N THR D 68 1.28 -7.33 -8.73
CA THR D 68 2.64 -7.22 -8.24
C THR D 68 3.48 -8.31 -8.89
N GLU D 69 4.79 -8.10 -8.86
CA GLU D 69 5.73 -9.11 -9.34
C GLU D 69 6.05 -10.06 -8.19
N PHE D 70 5.97 -11.36 -8.44
CA PHE D 70 6.25 -12.35 -7.41
C PHE D 70 6.79 -13.62 -8.06
N THR D 71 7.39 -14.46 -7.22
CA THR D 71 7.87 -15.77 -7.65
C THR D 71 7.19 -16.84 -6.81
N PRO D 72 6.30 -17.65 -7.39
CA PRO D 72 5.55 -18.61 -6.58
C PRO D 72 6.44 -19.74 -6.09
N THR D 73 6.13 -20.24 -4.91
CA THR D 73 6.89 -21.33 -4.33
C THR D 73 5.90 -22.25 -3.69
N GLU D 74 6.33 -23.46 -3.38
CA GLU D 74 5.47 -24.46 -2.75
C GLU D 74 5.01 -24.04 -1.37
N LYS D 75 5.91 -23.45 -0.61
CA LYS D 75 5.63 -22.97 0.76
C LYS D 75 4.76 -21.74 0.98
N ASP D 76 4.93 -20.71 0.16
CA ASP D 76 4.18 -19.47 0.32
C ASP D 76 2.71 -19.47 -0.04
N GLU D 77 1.90 -18.73 0.73
CA GLU D 77 0.49 -18.61 0.44
C GLU D 77 0.21 -17.18 -0.01
N TYR D 78 -0.49 -17.03 -1.13
CA TYR D 78 -0.82 -15.73 -1.68
C TYR D 78 -2.33 -15.53 -1.70
N ALA D 79 -2.77 -14.31 -1.39
CA ALA D 79 -4.19 -13.99 -1.33
C ALA D 79 -4.40 -12.53 -1.67
N CYS D 80 -5.65 -12.19 -1.97
CA CYS D 80 -6.09 -10.83 -2.22
C CYS D 80 -7.18 -10.47 -1.22
N ARG D 81 -7.03 -9.31 -0.56
CA ARG D 81 -8.02 -8.81 0.38
C ARG D 81 -8.69 -7.57 -0.20
N VAL D 82 -10.02 -7.59 -0.27
CA VAL D 82 -10.82 -6.51 -0.82
C VAL D 82 -11.78 -6.03 0.25
N ASN D 83 -11.87 -4.72 0.43
CA ASN D 83 -12.80 -4.10 1.37
C ASN D 83 -13.71 -3.14 0.61
N HIS D 84 -15.00 -3.21 0.87
CA HIS D 84 -16.00 -2.40 0.18
C HIS D 84 -17.12 -2.09 1.16
N VAL D 85 -17.94 -1.09 0.81
CA VAL D 85 -19.07 -0.74 1.67
C VAL D 85 -20.07 -1.89 1.75
N THR D 86 -20.20 -2.68 0.69
CA THR D 86 -21.14 -3.80 0.69
C THR D 86 -20.71 -4.91 1.65
N LEU D 87 -19.42 -4.99 2.01
CA LEU D 87 -18.89 -6.08 2.81
C LEU D 87 -18.83 -5.69 4.28
N SER D 88 -19.33 -6.59 5.15
CA SER D 88 -19.21 -6.38 6.59
C SER D 88 -17.78 -6.65 7.07
N GLN D 89 -17.11 -7.63 6.46
CA GLN D 89 -15.71 -7.93 6.71
C GLN D 89 -14.93 -8.01 5.41
N PRO D 90 -13.65 -7.67 5.44
CA PRO D 90 -12.84 -7.70 4.21
C PRO D 90 -12.76 -9.10 3.64
N LYS D 91 -13.07 -9.20 2.36
CA LYS D 91 -13.13 -10.47 1.65
C LYS D 91 -11.73 -10.90 1.20
N ILE D 92 -11.33 -12.10 1.61
CA ILE D 92 -10.04 -12.67 1.25
C ILE D 92 -10.27 -13.82 0.30
N VAL D 93 -9.61 -13.77 -0.85
CA VAL D 93 -9.63 -14.87 -1.83
C VAL D 93 -8.19 -15.37 -1.94
N LYS D 94 -7.98 -16.64 -1.64
CA LYS D 94 -6.63 -17.17 -1.69
C LYS D 94 -6.29 -17.54 -3.12
N TRP D 95 -5.02 -17.37 -3.48
CA TRP D 95 -4.59 -17.66 -4.84
C TRP D 95 -4.50 -19.18 -5.01
N ASP D 96 -5.17 -19.67 -6.05
CA ASP D 96 -5.12 -21.07 -6.35
C ASP D 96 -4.66 -21.11 -7.78
N ARG D 97 -3.58 -21.84 -7.99
CA ARG D 97 -2.94 -21.99 -9.26
C ARG D 97 -3.82 -22.66 -10.25
N ASP D 98 -4.71 -23.49 -9.75
CA ASP D 98 -5.62 -24.25 -10.59
C ASP D 98 -6.50 -23.33 -11.41
N MET D 99 -6.83 -22.18 -10.86
CA MET D 99 -7.69 -21.21 -11.52
C MET D 99 -7.20 -19.77 -11.48
N THR E 1 31.58 -13.37 13.16
CA THR E 1 30.36 -12.69 12.75
C THR E 1 29.97 -11.60 13.75
N SER E 2 29.28 -10.58 13.24
CA SER E 2 28.81 -9.51 14.11
C SER E 2 27.67 -9.96 15.01
N THR E 3 26.84 -10.86 14.51
CA THR E 3 25.74 -11.41 15.26
C THR E 3 26.19 -12.58 16.11
N LEU E 4 25.37 -12.94 17.08
CA LEU E 4 25.70 -14.03 17.96
C LEU E 4 25.52 -15.35 17.21
N GLN E 5 26.63 -16.05 17.06
CA GLN E 5 26.72 -17.33 16.38
C GLN E 5 26.04 -18.51 17.05
N GLU E 6 26.13 -18.56 18.37
CA GLU E 6 25.57 -19.65 19.14
C GLU E 6 24.06 -19.77 19.04
N GLN E 7 23.57 -21.01 18.96
CA GLN E 7 22.15 -21.26 18.88
C GLN E 7 21.75 -21.96 20.15
N ILE E 8 20.77 -21.41 20.84
CA ILE E 8 20.33 -21.99 22.09
C ILE E 8 18.84 -22.26 22.11
N GLY E 9 18.45 -23.49 22.45
CA GLY E 9 17.04 -23.84 22.54
C GLY E 9 16.51 -23.53 23.93
N TRP E 10 15.28 -23.02 23.97
CA TRP E 10 14.62 -22.72 25.24
C TRP E 10 14.33 -23.99 26.04
N THR F 1 -8.47 18.76 -29.95
CA THR F 1 -8.18 17.82 -28.89
C THR F 1 -8.78 16.48 -29.22
N SER F 2 -8.24 15.42 -28.66
CA SER F 2 -8.78 14.11 -28.91
C SER F 2 -10.03 13.97 -28.05
N THR F 3 -10.05 14.66 -26.92
CA THR F 3 -11.22 14.62 -26.06
C THR F 3 -12.21 15.70 -26.46
N LEU F 4 -13.45 15.53 -26.01
CA LEU F 4 -14.48 16.53 -26.24
C LEU F 4 -14.09 17.85 -25.59
N GLN F 5 -14.15 18.94 -26.36
CA GLN F 5 -13.69 20.23 -25.88
C GLN F 5 -14.81 21.12 -25.35
N GLU F 6 -16.04 20.95 -25.86
CA GLU F 6 -17.14 21.75 -25.35
C GLU F 6 -17.47 21.37 -23.92
N GLN F 7 -17.78 22.38 -23.11
CA GLN F 7 -18.12 22.20 -21.70
C GLN F 7 -19.63 22.31 -21.58
N ILE F 8 -20.27 21.25 -21.10
CA ILE F 8 -21.72 21.16 -21.07
C ILE F 8 -22.16 21.16 -19.62
N GLY F 9 -23.02 22.10 -19.27
CA GLY F 9 -23.58 22.16 -17.93
C GLY F 9 -24.89 21.41 -17.84
N TRP F 10 -25.06 20.68 -16.74
CA TRP F 10 -26.31 19.98 -16.51
C TRP F 10 -27.44 20.98 -16.21
#